data_3UOR
#
_entry.id   3UOR
#
_cell.length_a   122.971
_cell.length_b   122.971
_cell.length_c   304.280
_cell.angle_alpha   90.00
_cell.angle_beta   90.00
_cell.angle_gamma   120.00
#
_symmetry.space_group_name_H-M   'P 65 2 2'
#
loop_
_entity.id
_entity.type
_entity.pdbx_description
1 polymer 'ABC transporter sugar binding protein'
2 water water
#
_entity_poly.entity_id   1
_entity_poly.type   'polypeptide(L)'
_entity_poly.pdbx_seq_one_letter_code
;MGSSHHHHHHSSGLVPRGSHMCERSDPGKTTVRFWAMGKEAEVVAELVADFEKQNPTIHVDVQNIPMTAAHEKLLTAFAA
DGLPDVCQLGNTWLPEFALLDTLEPMQPYVARSKIVDPADYFPGVWDTNLVDGTLYGVPWYVDTRLLFYRKDLLREAGYS
QMPKTWAEMEQVMAAIKRKVGPDRYAILMPLNEFEQQLSFALQQDDRLLRDHDNYGNFRGAGFRKALGFYDNMYQQGWAP
KVSETQVSNVWYEFFNGYYAFYLSGPWNVREFKLRQPPGMEGNWGTAPLPGPNGLGAGIAGGSSLVIFKSSQHKDASWKL
IEYLSQPQVQARFHAIIGDLPPRRSTWKLPSLANDALAHAFGDQLERVKATPKVLEWERIVQEMRLVTERVVRGGQSHDA
AVQELDQRVDEILAKRRWIFEQEGGHVGPAGDTAQPVVRPAAADTTAPAAASDQGAAR
;
_entity_poly.pdbx_strand_id   A,B
#
# COMPACT_ATOMS: atom_id res chain seq x y z
N LYS A 29 -11.70 15.75 -24.77
CA LYS A 29 -11.81 17.20 -24.95
C LYS A 29 -12.41 17.91 -23.73
N THR A 30 -13.49 17.36 -23.17
CA THR A 30 -14.12 17.94 -21.97
C THR A 30 -13.39 17.51 -20.70
N THR A 31 -12.88 18.47 -19.94
CA THR A 31 -12.17 18.13 -18.71
C THR A 31 -13.02 18.28 -17.47
N VAL A 32 -13.08 17.20 -16.71
CA VAL A 32 -13.77 17.15 -15.42
C VAL A 32 -12.73 17.10 -14.29
N ARG A 33 -12.90 17.94 -13.28
CA ARG A 33 -12.01 17.90 -12.13
C ARG A 33 -12.62 17.13 -10.96
N PHE A 34 -11.91 16.08 -10.58
CA PHE A 34 -12.36 15.12 -9.58
C PHE A 34 -11.37 15.12 -8.41
N TRP A 35 -11.83 15.59 -7.25
CA TRP A 35 -11.00 15.57 -6.05
C TRP A 35 -11.30 14.34 -5.20
N ALA A 36 -10.26 13.64 -4.77
CA ALA A 36 -10.40 12.46 -3.94
C ALA A 36 -9.27 12.48 -2.92
N MET A 37 -9.35 11.64 -1.89
CA MET A 37 -8.41 11.73 -0.76
C MET A 37 -7.56 10.49 -0.52
N GLY A 38 -6.25 10.67 -0.45
CA GLY A 38 -5.34 9.61 -0.05
C GLY A 38 -5.33 8.38 -0.95
N LYS A 39 -5.21 7.21 -0.34
CA LYS A 39 -5.11 5.97 -1.09
C LYS A 39 -6.25 5.81 -2.08
N GLU A 40 -7.43 6.32 -1.72
CA GLU A 40 -8.55 6.21 -2.63
C GLU A 40 -8.29 7.00 -3.91
N ALA A 41 -7.72 8.20 -3.78
CA ALA A 41 -7.37 9.00 -4.93
C ALA A 41 -6.39 8.25 -5.87
N GLU A 42 -5.38 7.61 -5.28
CA GLU A 42 -4.38 6.90 -6.07
C GLU A 42 -5.04 5.77 -6.87
N VAL A 43 -5.84 4.98 -6.17
CA VAL A 43 -6.49 3.85 -6.79
C VAL A 43 -7.55 4.29 -7.80
N VAL A 44 -8.40 5.24 -7.44
CA VAL A 44 -9.44 5.66 -8.39
C VAL A 44 -8.80 6.26 -9.65
N ALA A 45 -7.58 6.81 -9.54
CA ALA A 45 -6.90 7.34 -10.72
C ALA A 45 -6.60 6.22 -11.72
N GLU A 46 -6.31 5.01 -11.22
CA GLU A 46 -6.07 3.88 -12.13
C GLU A 46 -7.35 3.55 -12.85
N LEU A 47 -8.44 3.55 -12.09
CA LEU A 47 -9.75 3.20 -12.61
C LEU A 47 -10.20 4.18 -13.67
N VAL A 48 -9.92 5.47 -13.50
CA VAL A 48 -10.41 6.44 -14.46
C VAL A 48 -9.72 6.25 -15.80
N ALA A 49 -8.51 5.71 -15.77
CA ALA A 49 -7.79 5.39 -16.99
C ALA A 49 -8.68 4.58 -17.92
N ASP A 50 -9.30 3.52 -17.38
CA ASP A 50 -10.21 2.71 -18.18
C ASP A 50 -11.52 3.44 -18.52
N PHE A 51 -11.90 4.41 -17.70
CA PHE A 51 -13.10 5.20 -17.99
C PHE A 51 -12.86 6.13 -19.17
N GLU A 52 -11.66 6.72 -19.20
CA GLU A 52 -11.25 7.59 -20.29
C GLU A 52 -11.11 6.77 -21.58
N LYS A 53 -10.50 5.60 -21.47
CA LYS A 53 -10.35 4.73 -22.62
C LYS A 53 -11.69 4.05 -22.98
N GLN A 54 -12.78 4.55 -22.42
CA GLN A 54 -14.12 4.09 -22.82
C GLN A 54 -14.95 5.31 -23.18
N ASN A 55 -14.44 6.49 -22.83
CA ASN A 55 -15.10 7.77 -23.09
C ASN A 55 -14.03 8.79 -23.48
N PRO A 56 -13.56 8.72 -24.73
CA PRO A 56 -12.40 9.51 -25.21
C PRO A 56 -12.66 11.02 -25.34
N THR A 57 -13.93 11.43 -25.31
CA THR A 57 -14.30 12.84 -25.34
C THR A 57 -14.19 13.48 -23.96
N ILE A 58 -13.94 12.64 -22.94
CA ILE A 58 -13.89 13.09 -21.55
C ILE A 58 -12.51 12.88 -20.95
N HIS A 59 -11.92 13.96 -20.45
CA HIS A 59 -10.69 13.86 -19.66
C HIS A 59 -11.03 14.07 -18.18
N VAL A 60 -10.49 13.23 -17.33
CA VAL A 60 -10.70 13.34 -15.89
C VAL A 60 -9.40 13.72 -15.19
N ASP A 61 -9.40 14.89 -14.56
CA ASP A 61 -8.24 15.34 -13.82
C ASP A 61 -8.41 14.98 -12.36
N VAL A 62 -7.73 13.92 -11.93
CA VAL A 62 -7.85 13.48 -10.55
C VAL A 62 -6.81 14.16 -9.65
N GLN A 63 -7.29 14.83 -8.61
CA GLN A 63 -6.42 15.49 -7.64
C GLN A 63 -6.51 14.74 -6.33
N ASN A 64 -5.35 14.42 -5.76
CA ASN A 64 -5.27 13.75 -4.48
C ASN A 64 -5.10 14.76 -3.37
N ILE A 65 -6.15 14.96 -2.59
CA ILE A 65 -6.10 15.88 -1.46
C ILE A 65 -6.02 15.09 -0.18
N PRO A 66 -5.09 15.47 0.70
CA PRO A 66 -4.97 14.79 2.00
C PRO A 66 -6.21 15.07 2.85
N MET A 67 -6.74 14.06 3.50
CA MET A 67 -7.98 14.21 4.24
C MET A 67 -7.88 15.33 5.29
N THR A 68 -6.76 15.40 5.97
CA THR A 68 -6.58 16.39 7.03
C THR A 68 -6.68 17.83 6.53
N ALA A 69 -6.56 18.02 5.22
CA ALA A 69 -6.64 19.35 4.62
C ALA A 69 -7.84 19.49 3.71
N ALA A 70 -8.57 18.40 3.52
CA ALA A 70 -9.65 18.37 2.55
C ALA A 70 -10.80 19.30 2.93
N HIS A 71 -11.20 19.27 4.19
CA HIS A 71 -12.31 20.10 4.63
C HIS A 71 -12.05 21.60 4.50
N GLU A 72 -10.82 22.02 4.76
CA GLU A 72 -10.45 23.42 4.57
C GLU A 72 -10.36 23.76 3.11
N LYS A 73 -9.69 22.91 2.33
CA LYS A 73 -9.51 23.21 0.92
C LYS A 73 -10.86 23.41 0.23
N LEU A 74 -11.88 22.67 0.71
CA LEU A 74 -13.21 22.71 0.11
C LEU A 74 -13.98 23.95 0.49
N LEU A 75 -14.10 24.21 1.79
CA LEU A 75 -14.69 25.46 2.25
C LEU A 75 -14.00 26.63 1.57
N THR A 76 -12.68 26.54 1.47
CA THR A 76 -11.87 27.57 0.81
C THR A 76 -12.19 27.67 -0.69
N ALA A 77 -12.11 26.56 -1.40
CA ALA A 77 -12.44 26.55 -2.81
C ALA A 77 -13.86 27.03 -3.05
N PHE A 78 -14.76 26.72 -2.12
CA PHE A 78 -16.13 27.20 -2.22
C PHE A 78 -16.13 28.72 -2.32
N ALA A 79 -15.78 29.40 -1.23
CA ALA A 79 -15.72 30.85 -1.19
C ALA A 79 -15.05 31.44 -2.43
N ALA A 80 -13.95 30.81 -2.86
CA ALA A 80 -13.18 31.29 -4.00
C ALA A 80 -13.72 30.84 -5.36
N ASP A 81 -14.91 30.23 -5.36
CA ASP A 81 -15.53 29.77 -6.59
C ASP A 81 -14.66 28.80 -7.41
N GLY A 82 -13.94 27.92 -6.72
CA GLY A 82 -13.03 27.00 -7.39
C GLY A 82 -13.21 25.54 -7.03
N LEU A 83 -14.46 25.15 -6.81
CA LEU A 83 -14.80 23.75 -6.50
C LEU A 83 -14.64 22.86 -7.72
N PRO A 84 -14.23 21.60 -7.50
CA PRO A 84 -14.13 20.66 -8.61
C PRO A 84 -15.52 20.28 -9.09
N ASP A 85 -15.61 19.50 -10.17
CA ASP A 85 -16.89 19.03 -10.66
C ASP A 85 -17.37 17.86 -9.83
N VAL A 86 -16.52 16.86 -9.68
CA VAL A 86 -16.85 15.69 -8.89
C VAL A 86 -15.94 15.63 -7.67
N CYS A 87 -16.48 15.15 -6.56
CA CYS A 87 -15.72 15.14 -5.32
C CYS A 87 -16.11 13.97 -4.43
N GLN A 88 -15.10 13.33 -3.87
CA GLN A 88 -15.29 12.33 -2.82
C GLN A 88 -15.57 13.07 -1.51
N LEU A 89 -16.67 12.72 -0.85
CA LEU A 89 -17.03 13.38 0.42
C LEU A 89 -17.29 12.32 1.48
N GLY A 90 -16.55 12.38 2.57
CA GLY A 90 -16.88 11.56 3.74
C GLY A 90 -18.36 11.76 4.02
N ASN A 91 -19.08 10.69 4.28
CA ASN A 91 -20.52 10.86 4.29
C ASN A 91 -21.10 11.61 5.51
N THR A 92 -20.28 11.94 6.50
CA THR A 92 -20.77 12.78 7.60
C THR A 92 -20.57 14.26 7.26
N TRP A 93 -19.84 14.52 6.18
CA TRP A 93 -19.67 15.87 5.66
C TRP A 93 -20.84 16.35 4.81
N LEU A 94 -21.65 15.41 4.29
CA LEU A 94 -22.75 15.79 3.39
C LEU A 94 -23.69 16.84 3.96
N PRO A 95 -24.16 16.67 5.21
CA PRO A 95 -25.16 17.61 5.72
C PRO A 95 -24.64 19.04 5.69
N GLU A 96 -23.36 19.22 5.98
CA GLU A 96 -22.78 20.54 5.94
C GLU A 96 -22.75 21.12 4.53
N PHE A 97 -22.21 20.38 3.57
CA PHE A 97 -22.16 20.90 2.21
C PHE A 97 -23.54 21.03 1.57
N ALA A 98 -24.48 20.19 2.02
CA ALA A 98 -25.86 20.29 1.54
C ALA A 98 -26.51 21.56 2.07
N LEU A 99 -26.39 21.79 3.37
CA LEU A 99 -27.01 22.97 3.97
C LEU A 99 -26.28 24.27 3.60
N LEU A 100 -25.05 24.15 3.10
CA LEU A 100 -24.38 25.27 2.48
C LEU A 100 -24.85 25.46 1.03
N ASP A 101 -25.79 24.63 0.60
CA ASP A 101 -26.31 24.66 -0.77
C ASP A 101 -25.22 24.57 -1.86
N THR A 102 -24.22 23.73 -1.66
CA THR A 102 -23.19 23.55 -2.67
C THR A 102 -23.40 22.28 -3.50
N LEU A 103 -24.36 21.48 -3.11
CA LEU A 103 -24.41 20.13 -3.68
C LEU A 103 -25.57 19.98 -4.66
N GLU A 104 -25.29 19.39 -5.81
CA GLU A 104 -26.31 19.15 -6.81
C GLU A 104 -27.23 18.02 -6.35
N PRO A 105 -28.55 18.27 -6.36
CA PRO A 105 -29.49 17.18 -6.04
C PRO A 105 -29.28 16.02 -7.02
N MET A 106 -29.22 14.81 -6.50
CA MET A 106 -28.83 13.67 -7.31
C MET A 106 -30.01 12.85 -7.80
N GLN A 107 -31.17 13.02 -7.20
CA GLN A 107 -32.30 12.14 -7.54
C GLN A 107 -32.68 12.16 -9.02
N PRO A 108 -32.64 13.34 -9.67
CA PRO A 108 -32.93 13.39 -11.11
C PRO A 108 -31.97 12.56 -11.97
N TYR A 109 -30.70 12.46 -11.55
CA TYR A 109 -29.74 11.65 -12.29
C TYR A 109 -29.94 10.18 -11.98
N VAL A 110 -30.24 9.87 -10.72
CA VAL A 110 -30.38 8.49 -10.32
C VAL A 110 -31.59 7.90 -11.05
N ALA A 111 -32.64 8.71 -11.16
CA ALA A 111 -33.89 8.27 -11.76
C ALA A 111 -33.73 7.94 -13.24
N ARG A 112 -32.80 8.62 -13.90
CA ARG A 112 -32.57 8.38 -15.32
C ARG A 112 -31.43 7.41 -15.56
N SER A 113 -30.91 6.81 -14.49
CA SER A 113 -29.75 5.92 -14.63
C SER A 113 -30.16 4.48 -14.46
N LYS A 114 -29.84 3.68 -15.47
CA LYS A 114 -30.03 2.24 -15.39
C LYS A 114 -29.08 1.66 -14.34
N ILE A 115 -27.83 2.12 -14.39
CA ILE A 115 -26.78 1.55 -13.57
C ILE A 115 -27.01 1.76 -12.07
N VAL A 116 -27.39 2.97 -11.70
CA VAL A 116 -27.60 3.31 -10.31
C VAL A 116 -29.04 3.13 -9.89
N ASP A 117 -29.30 1.99 -9.27
CA ASP A 117 -30.63 1.63 -8.82
C ASP A 117 -30.65 1.65 -7.29
N PRO A 118 -31.41 2.60 -6.69
CA PRO A 118 -31.36 2.78 -5.24
C PRO A 118 -31.75 1.52 -4.49
N ALA A 119 -32.65 0.72 -5.06
CA ALA A 119 -33.10 -0.48 -4.34
C ALA A 119 -31.99 -1.51 -4.19
N ASP A 120 -30.92 -1.37 -4.96
CA ASP A 120 -29.81 -2.33 -4.88
C ASP A 120 -28.76 -1.91 -3.85
N TYR A 121 -28.92 -0.70 -3.28
CA TYR A 121 -27.96 -0.18 -2.30
C TYR A 121 -28.39 -0.52 -0.88
N PHE A 122 -27.43 -0.85 -0.02
CA PHE A 122 -27.80 -1.14 1.35
C PHE A 122 -28.55 0.07 1.92
N PRO A 123 -29.70 -0.17 2.56
CA PRO A 123 -30.59 0.96 2.89
C PRO A 123 -29.95 1.95 3.86
N GLY A 124 -29.25 1.48 4.89
CA GLY A 124 -28.56 2.36 5.81
C GLY A 124 -27.47 3.16 5.10
N VAL A 125 -26.85 2.57 4.09
CA VAL A 125 -25.84 3.28 3.30
C VAL A 125 -26.46 4.35 2.39
N TRP A 126 -27.54 4.02 1.70
CA TRP A 126 -28.25 5.00 0.87
C TRP A 126 -28.71 6.15 1.75
N ASP A 127 -29.20 5.81 2.93
CA ASP A 127 -29.79 6.80 3.82
C ASP A 127 -28.79 7.90 4.21
N THR A 128 -27.50 7.58 4.28
CA THR A 128 -26.50 8.60 4.63
C THR A 128 -26.41 9.72 3.58
N ASN A 129 -26.92 9.50 2.38
CA ASN A 129 -26.84 10.55 1.35
C ASN A 129 -28.09 11.40 1.28
N LEU A 130 -29.06 11.10 2.13
CA LEU A 130 -30.31 11.85 2.12
C LEU A 130 -30.28 12.91 3.22
N VAL A 131 -30.49 14.15 2.82
CA VAL A 131 -30.48 15.22 3.78
C VAL A 131 -31.79 15.97 3.68
N ASP A 132 -32.63 15.78 4.69
CA ASP A 132 -33.90 16.45 4.72
C ASP A 132 -34.75 15.94 3.56
N GLY A 133 -34.67 14.64 3.30
CA GLY A 133 -35.47 14.01 2.27
C GLY A 133 -34.98 14.24 0.85
N THR A 134 -33.85 14.93 0.71
CA THR A 134 -33.30 15.20 -0.62
C THR A 134 -31.96 14.48 -0.83
N LEU A 135 -31.81 13.79 -1.95
CA LEU A 135 -30.59 13.04 -2.22
C LEU A 135 -29.48 13.96 -2.71
N TYR A 136 -28.34 13.95 -2.00
CA TYR A 136 -27.23 14.84 -2.38
C TYR A 136 -25.94 14.15 -2.76
N GLY A 137 -25.94 12.83 -2.80
CA GLY A 137 -24.74 12.11 -3.20
C GLY A 137 -25.10 10.70 -3.63
N VAL A 138 -24.09 9.95 -4.07
CA VAL A 138 -24.25 8.52 -4.30
C VAL A 138 -23.17 7.82 -3.48
N PRO A 139 -23.55 6.79 -2.71
CA PRO A 139 -22.54 6.12 -1.89
C PRO A 139 -21.45 5.57 -2.78
N TRP A 140 -20.19 5.76 -2.41
CA TRP A 140 -19.10 5.21 -3.20
C TRP A 140 -18.56 3.92 -2.58
N TYR A 141 -18.14 3.97 -1.32
CA TYR A 141 -17.72 2.74 -0.64
C TYR A 141 -18.07 2.89 0.84
N VAL A 142 -18.05 1.80 1.57
CA VAL A 142 -18.59 1.78 2.92
C VAL A 142 -17.50 1.36 3.90
N ASP A 143 -17.42 2.08 5.01
CA ASP A 143 -16.57 1.70 6.12
C ASP A 143 -17.49 1.31 7.25
N THR A 144 -17.38 0.08 7.73
CA THR A 144 -18.10 -0.29 8.94
C THR A 144 -17.17 -1.17 9.80
N ARG A 145 -17.47 -1.31 11.08
CA ARG A 145 -16.56 -1.94 12.04
C ARG A 145 -17.16 -3.22 12.60
N LEU A 146 -16.38 -4.28 12.65
CA LEU A 146 -16.90 -5.56 13.14
C LEU A 146 -15.74 -6.33 13.74
N LEU A 147 -15.94 -7.60 14.11
CA LEU A 147 -14.89 -8.34 14.83
C LEU A 147 -13.94 -9.13 13.96
N PHE A 148 -12.65 -8.81 14.00
CA PHE A 148 -11.61 -9.71 13.53
C PHE A 148 -11.33 -10.62 14.70
N TYR A 149 -11.15 -11.92 14.45
CA TYR A 149 -10.97 -12.87 15.53
C TYR A 149 -10.00 -13.99 15.23
N ARG A 150 -9.34 -14.47 16.28
CA ARG A 150 -8.48 -15.65 16.21
C ARG A 150 -9.33 -16.91 16.38
N LYS A 151 -9.47 -17.67 15.30
CA LYS A 151 -10.27 -18.90 15.30
C LYS A 151 -9.74 -19.91 16.31
N ASP A 152 -8.43 -20.13 16.28
CA ASP A 152 -7.79 -21.04 17.21
C ASP A 152 -8.07 -20.63 18.67
N LEU A 153 -7.88 -19.37 19.01
CA LEU A 153 -8.13 -18.91 20.38
C LEU A 153 -9.60 -19.06 20.76
N LEU A 154 -10.50 -18.86 19.80
CA LEU A 154 -11.93 -19.04 20.04
C LEU A 154 -12.25 -20.50 20.34
N ARG A 155 -11.66 -21.40 19.56
CA ARG A 155 -11.82 -22.84 19.75
C ARG A 155 -11.22 -23.32 21.08
N GLU A 156 -10.08 -22.74 21.46
CA GLU A 156 -9.48 -23.11 22.74
C GLU A 156 -10.37 -22.72 23.89
N ALA A 157 -11.12 -21.64 23.74
CA ALA A 157 -12.04 -21.24 24.79
C ALA A 157 -13.33 -22.07 24.72
N GLY A 158 -13.41 -22.95 23.71
CA GLY A 158 -14.51 -23.90 23.67
C GLY A 158 -15.47 -23.74 22.49
N TYR A 159 -15.28 -22.70 21.68
CA TYR A 159 -16.28 -22.34 20.69
C TYR A 159 -15.86 -22.48 19.25
N SER A 160 -16.80 -22.96 18.43
CA SER A 160 -16.63 -22.99 16.99
C SER A 160 -17.42 -21.87 16.33
N GLN A 161 -18.42 -21.33 17.04
CA GLN A 161 -19.25 -20.25 16.52
C GLN A 161 -18.87 -18.93 17.20
N MET A 162 -18.84 -17.86 16.42
CA MET A 162 -18.72 -16.54 17.03
C MET A 162 -20.08 -16.20 17.62
N PRO A 163 -20.10 -15.39 18.68
CA PRO A 163 -21.32 -14.92 19.37
C PRO A 163 -22.13 -14.01 18.46
N LYS A 164 -23.46 -13.99 18.60
CA LYS A 164 -24.29 -13.10 17.79
C LYS A 164 -25.10 -12.15 18.65
N THR A 165 -25.29 -12.51 19.93
CA THR A 165 -25.95 -11.60 20.85
C THR A 165 -24.93 -11.03 21.83
N TRP A 166 -25.26 -9.88 22.39
CA TRP A 166 -24.48 -9.31 23.48
C TRP A 166 -24.19 -10.32 24.58
N ALA A 167 -25.21 -11.00 25.10
CA ALA A 167 -24.99 -11.94 26.20
C ALA A 167 -24.06 -13.08 25.80
N GLU A 168 -24.25 -13.63 24.60
CA GLU A 168 -23.34 -14.65 24.09
C GLU A 168 -21.91 -14.07 24.00
N MET A 169 -21.80 -12.82 23.57
CA MET A 169 -20.49 -12.21 23.45
C MET A 169 -19.81 -12.13 24.83
N GLU A 170 -20.58 -11.76 25.84
CA GLU A 170 -20.03 -11.66 27.21
C GLU A 170 -19.51 -13.02 27.71
N GLN A 171 -20.30 -14.08 27.50
CA GLN A 171 -19.89 -15.42 27.91
C GLN A 171 -18.65 -15.88 27.16
N VAL A 172 -18.58 -15.65 25.85
CA VAL A 172 -17.39 -16.02 25.08
C VAL A 172 -16.17 -15.26 25.58
N MET A 173 -16.32 -13.95 25.79
CA MET A 173 -15.19 -13.17 26.29
C MET A 173 -14.75 -13.66 27.66
N ALA A 174 -15.69 -13.98 28.53
CA ALA A 174 -15.30 -14.46 29.86
C ALA A 174 -14.57 -15.79 29.70
N ALA A 175 -15.01 -16.60 28.73
CA ALA A 175 -14.41 -17.91 28.53
C ALA A 175 -12.97 -17.76 28.03
N ILE A 176 -12.73 -16.77 27.18
CA ILE A 176 -11.39 -16.52 26.65
C ILE A 176 -10.50 -15.99 27.77
N LYS A 177 -11.06 -15.10 28.59
CA LYS A 177 -10.30 -14.49 29.66
C LYS A 177 -9.81 -15.57 30.65
N ARG A 178 -10.68 -16.51 31.01
CA ARG A 178 -10.24 -17.63 31.84
C ARG A 178 -9.05 -18.34 31.18
N LYS A 179 -9.16 -18.62 29.90
CA LYS A 179 -8.09 -19.33 29.20
C LYS A 179 -6.78 -18.55 29.13
N VAL A 180 -6.83 -17.25 28.84
CA VAL A 180 -5.61 -16.49 28.55
C VAL A 180 -4.92 -15.89 29.78
N GLY A 181 -5.68 -15.71 30.86
CA GLY A 181 -5.09 -15.25 32.11
C GLY A 181 -5.19 -13.75 32.34
N PRO A 182 -4.57 -13.28 33.43
CA PRO A 182 -4.71 -11.88 33.85
C PRO A 182 -4.01 -10.90 32.93
N ASP A 183 -2.97 -11.36 32.24
CA ASP A 183 -2.13 -10.44 31.46
C ASP A 183 -2.54 -10.37 29.98
N ARG A 184 -3.58 -11.12 29.61
CA ARG A 184 -4.05 -11.13 28.23
C ARG A 184 -5.57 -10.92 28.21
N TYR A 185 -6.10 -10.57 27.03
CA TYR A 185 -7.44 -10.03 26.98
C TYR A 185 -8.30 -10.71 25.92
N ALA A 186 -9.61 -10.53 26.03
CA ALA A 186 -10.52 -11.08 25.04
C ALA A 186 -10.59 -10.18 23.79
N ILE A 187 -10.65 -8.86 23.99
CA ILE A 187 -10.90 -7.95 22.87
C ILE A 187 -10.16 -6.63 23.03
N LEU A 188 -9.69 -6.09 21.90
CA LEU A 188 -9.06 -4.77 21.86
C LEU A 188 -9.98 -3.71 21.24
N MET A 189 -10.30 -2.69 22.02
CA MET A 189 -11.08 -1.54 21.59
C MET A 189 -10.37 -0.31 22.17
N PRO A 190 -9.49 0.32 21.39
CA PRO A 190 -8.71 1.45 21.91
C PRO A 190 -9.61 2.58 22.40
N LEU A 191 -9.35 3.07 23.61
CA LEU A 191 -10.19 4.07 24.27
C LEU A 191 -10.22 5.45 23.58
N ASN A 192 -9.26 5.69 22.69
CA ASN A 192 -9.20 6.95 21.95
C ASN A 192 -10.09 6.95 20.71
N GLU A 193 -10.67 5.81 20.36
CA GLU A 193 -11.54 5.71 19.19
C GLU A 193 -12.99 5.75 19.63
N PHE A 194 -13.85 6.39 18.84
CA PHE A 194 -15.26 6.46 19.18
C PHE A 194 -16.15 5.42 18.47
N GLU A 195 -15.62 4.75 17.45
CA GLU A 195 -16.46 3.91 16.57
C GLU A 195 -17.08 2.72 17.28
N GLN A 196 -16.37 2.16 18.27
CA GLN A 196 -16.89 1.00 18.99
C GLN A 196 -18.15 1.35 19.82
N GLN A 197 -18.06 2.39 20.67
CA GLN A 197 -19.19 2.82 21.48
C GLN A 197 -20.30 3.20 20.55
N LEU A 198 -19.95 3.95 19.51
CA LEU A 198 -20.96 4.40 18.55
C LEU A 198 -21.69 3.20 17.92
N SER A 199 -20.94 2.18 17.51
CA SER A 199 -21.55 0.99 16.89
C SER A 199 -22.61 0.41 17.82
N PHE A 200 -22.23 0.20 19.08
CA PHE A 200 -23.16 -0.40 20.05
C PHE A 200 -24.36 0.50 20.34
N ALA A 201 -24.16 1.82 20.26
CA ALA A 201 -25.26 2.77 20.49
C ALA A 201 -26.22 2.78 19.31
N LEU A 202 -25.67 2.64 18.10
CA LEU A 202 -26.51 2.52 16.91
C LEU A 202 -27.37 1.25 16.90
N GLN A 203 -27.04 0.25 17.72
CA GLN A 203 -27.86 -0.97 17.77
C GLN A 203 -29.14 -0.81 18.62
N GLN A 204 -29.42 0.39 19.11
CA GLN A 204 -30.56 0.60 20.01
C GLN A 204 -31.70 1.20 19.22
N ASP A 205 -32.92 1.09 19.74
CA ASP A 205 -34.10 1.55 19.02
C ASP A 205 -34.26 3.05 19.03
N ASP A 206 -33.67 3.71 20.00
CA ASP A 206 -33.83 5.15 20.07
C ASP A 206 -32.68 5.87 19.39
N ARG A 207 -32.86 7.16 19.18
CA ARG A 207 -31.94 8.00 18.43
C ARG A 207 -31.00 8.70 19.44
N LEU A 208 -29.75 8.96 19.04
CA LEU A 208 -28.78 9.63 19.91
C LEU A 208 -29.04 11.12 20.11
N LEU A 209 -29.86 11.73 19.25
CA LEU A 209 -30.31 13.11 19.46
C LEU A 209 -31.83 13.11 19.55
N ARG A 210 -32.42 14.20 20.00
CA ARG A 210 -33.88 14.24 20.12
C ARG A 210 -34.41 15.61 19.76
N ASP A 211 -35.72 15.67 19.59
CA ASP A 211 -36.44 16.92 19.39
C ASP A 211 -35.86 17.72 18.22
N HIS A 212 -36.05 17.19 17.02
CA HIS A 212 -35.59 17.81 15.79
C HIS A 212 -34.07 17.86 15.77
N ASP A 213 -33.47 16.90 16.46
CA ASP A 213 -32.02 16.80 16.56
C ASP A 213 -31.43 18.10 17.13
N ASN A 214 -32.21 18.76 17.96
CA ASN A 214 -31.80 19.99 18.62
C ASN A 214 -31.22 19.75 20.01
N TYR A 215 -31.38 18.55 20.55
CA TYR A 215 -30.84 18.25 21.88
C TYR A 215 -30.16 16.92 21.88
N GLY A 216 -29.19 16.74 22.78
CA GLY A 216 -28.58 15.44 22.93
C GLY A 216 -29.58 14.48 23.57
N ASN A 217 -29.47 13.20 23.26
CA ASN A 217 -30.34 12.22 23.88
C ASN A 217 -29.49 11.12 24.48
N PHE A 218 -28.32 11.48 24.98
CA PHE A 218 -27.42 10.50 25.57
C PHE A 218 -27.91 10.02 26.94
N ARG A 219 -28.80 10.79 27.54
CA ARG A 219 -29.49 10.35 28.75
C ARG A 219 -30.59 9.33 28.47
N GLY A 220 -30.87 9.08 27.20
CA GLY A 220 -31.90 8.12 26.82
C GLY A 220 -31.51 6.69 27.18
N ALA A 221 -32.49 5.79 27.20
CA ALA A 221 -32.24 4.38 27.54
C ALA A 221 -31.20 3.71 26.65
N GLY A 222 -31.24 4.00 25.37
CA GLY A 222 -30.36 3.33 24.44
C GLY A 222 -28.91 3.62 24.71
N PHE A 223 -28.56 4.91 24.78
CA PHE A 223 -27.15 5.21 25.05
C PHE A 223 -26.70 4.65 26.41
N ARG A 224 -27.56 4.74 27.42
CA ARG A 224 -27.22 4.17 28.72
C ARG A 224 -26.93 2.67 28.63
N LYS A 225 -27.69 1.97 27.78
CA LYS A 225 -27.50 0.51 27.64
C LYS A 225 -26.16 0.26 26.94
N ALA A 226 -25.89 1.05 25.90
CA ALA A 226 -24.64 0.93 25.13
C ALA A 226 -23.41 1.28 25.98
N LEU A 227 -23.49 2.40 26.68
CA LEU A 227 -22.45 2.76 27.65
C LEU A 227 -22.21 1.63 28.66
N GLY A 228 -23.30 1.06 29.18
CA GLY A 228 -23.16 -0.02 30.13
C GLY A 228 -22.40 -1.23 29.58
N PHE A 229 -22.83 -1.68 28.41
CA PHE A 229 -22.23 -2.85 27.74
C PHE A 229 -20.75 -2.60 27.43
N TYR A 230 -20.46 -1.43 26.86
CA TYR A 230 -19.10 -1.03 26.51
C TYR A 230 -18.17 -0.89 27.76
N ASP A 231 -18.61 -0.14 28.76
CA ASP A 231 -17.81 0.03 29.98
C ASP A 231 -17.55 -1.32 30.66
N ASN A 232 -18.58 -2.16 30.72
CA ASN A 232 -18.45 -3.45 31.39
C ASN A 232 -17.26 -4.29 30.89
N MET A 233 -16.97 -4.23 29.58
CA MET A 233 -15.88 -5.03 29.03
C MET A 233 -14.52 -4.64 29.61
N TYR A 234 -14.30 -3.37 29.84
CA TYR A 234 -13.04 -2.98 30.48
C TYR A 234 -13.03 -3.35 31.96
N GLN A 235 -14.16 -3.16 32.64
CA GLN A 235 -14.18 -3.40 34.07
C GLN A 235 -14.09 -4.89 34.39
N GLN A 236 -14.50 -5.75 33.46
CA GLN A 236 -14.39 -7.20 33.71
C GLN A 236 -12.97 -7.68 33.36
N GLY A 237 -12.19 -6.81 32.71
CA GLY A 237 -10.86 -7.18 32.28
C GLY A 237 -10.90 -7.92 30.94
N TRP A 238 -12.01 -7.80 30.21
CA TRP A 238 -12.12 -8.45 28.89
C TRP A 238 -11.36 -7.63 27.86
N ALA A 239 -11.46 -6.31 27.99
CA ALA A 239 -10.76 -5.37 27.12
C ALA A 239 -9.78 -4.54 27.94
N PRO A 240 -8.52 -4.43 27.46
CA PRO A 240 -7.50 -3.64 28.15
C PRO A 240 -7.84 -2.15 28.12
N LYS A 241 -7.44 -1.45 29.18
CA LYS A 241 -7.69 -0.02 29.27
C LYS A 241 -6.56 0.76 28.62
N VAL A 242 -6.53 0.75 27.30
CA VAL A 242 -5.44 1.40 26.57
C VAL A 242 -5.95 2.24 25.41
N SER A 243 -5.12 3.21 25.01
CA SER A 243 -5.31 3.97 23.76
C SER A 243 -4.48 3.31 22.68
N GLU A 244 -4.73 3.66 21.41
CA GLU A 244 -4.05 2.99 20.30
C GLU A 244 -2.54 3.16 20.35
N THR A 245 -2.12 4.31 20.86
CA THR A 245 -0.71 4.63 20.99
C THR A 245 -0.01 3.71 22.00
N GLN A 246 -0.79 3.17 22.94
CA GLN A 246 -0.27 2.29 23.98
C GLN A 246 -0.17 0.86 23.51
N VAL A 247 -0.74 0.58 22.34
CA VAL A 247 -0.57 -0.73 21.73
C VAL A 247 0.64 -0.65 20.80
N SER A 248 1.51 -1.65 20.85
CA SER A 248 2.70 -1.62 19.99
C SER A 248 2.30 -1.70 18.52
N ASN A 249 1.66 -2.81 18.15
CA ASN A 249 1.26 -3.05 16.77
C ASN A 249 0.01 -3.94 16.75
N VAL A 250 -1.12 -3.41 16.27
CA VAL A 250 -2.38 -4.12 16.43
C VAL A 250 -2.37 -5.48 15.74
N TRP A 251 -1.65 -5.59 14.63
CA TRP A 251 -1.63 -6.87 13.91
C TRP A 251 -0.76 -7.91 14.61
N TYR A 252 0.42 -7.52 15.07
CA TYR A 252 1.29 -8.47 15.75
C TYR A 252 0.74 -8.89 17.12
N GLU A 253 0.22 -7.94 17.89
CA GLU A 253 -0.40 -8.28 19.16
C GLU A 253 -1.53 -9.29 18.97
N PHE A 254 -2.31 -9.11 17.91
CA PHE A 254 -3.41 -10.01 17.57
C PHE A 254 -2.87 -11.42 17.31
N PHE A 255 -1.86 -11.52 16.42
CA PHE A 255 -1.27 -12.81 16.10
C PHE A 255 -0.38 -13.36 17.24
N ASN A 256 -0.04 -12.49 18.18
CA ASN A 256 0.69 -12.90 19.37
C ASN A 256 -0.24 -13.39 20.47
N GLY A 257 -1.54 -13.18 20.29
CA GLY A 257 -2.51 -13.69 21.26
C GLY A 257 -2.75 -12.78 22.46
N TYR A 258 -2.24 -11.55 22.40
CA TYR A 258 -2.51 -10.56 23.47
C TYR A 258 -4.02 -10.31 23.63
N TYR A 259 -4.76 -10.48 22.55
CA TYR A 259 -6.22 -10.42 22.60
C TYR A 259 -6.78 -11.22 21.45
N ALA A 260 -7.95 -11.84 21.67
CA ALA A 260 -8.57 -12.72 20.68
C ALA A 260 -9.39 -11.99 19.61
N PHE A 261 -10.04 -10.89 20.01
CA PHE A 261 -10.86 -10.09 19.10
C PHE A 261 -10.30 -8.68 18.93
N TYR A 262 -10.54 -8.12 17.76
CA TYR A 262 -10.20 -6.74 17.46
C TYR A 262 -11.38 -6.16 16.68
N LEU A 263 -12.01 -5.14 17.24
CA LEU A 263 -13.17 -4.51 16.62
C LEU A 263 -12.73 -3.41 15.66
N SER A 264 -12.78 -3.65 14.36
CA SER A 264 -12.22 -2.67 13.41
C SER A 264 -12.75 -2.84 11.97
N GLY A 265 -12.16 -2.10 11.05
CA GLY A 265 -12.73 -1.95 9.71
C GLY A 265 -12.06 -2.72 8.57
N PRO A 266 -12.55 -2.52 7.34
CA PRO A 266 -12.17 -3.34 6.16
C PRO A 266 -10.71 -3.23 5.78
N TRP A 267 -10.08 -2.08 6.00
CA TRP A 267 -8.66 -1.90 5.64
C TRP A 267 -7.77 -2.89 6.39
N ASN A 268 -8.25 -3.44 7.49
CA ASN A 268 -7.42 -4.40 8.23
C ASN A 268 -7.29 -5.75 7.56
N VAL A 269 -8.24 -6.10 6.71
CA VAL A 269 -8.22 -7.45 6.14
C VAL A 269 -6.87 -7.65 5.45
N ARG A 270 -6.50 -6.72 4.59
CA ARG A 270 -5.21 -6.80 3.88
C ARG A 270 -4.03 -6.79 4.84
N GLU A 271 -4.06 -5.88 5.81
CA GLU A 271 -2.96 -5.76 6.76
C GLU A 271 -2.72 -7.02 7.55
N PHE A 272 -3.78 -7.70 7.97
CA PHE A 272 -3.61 -8.95 8.71
C PHE A 272 -3.09 -10.02 7.76
N LYS A 273 -3.59 -10.04 6.53
CA LYS A 273 -3.12 -11.01 5.55
C LYS A 273 -1.61 -10.92 5.42
N LEU A 274 -1.10 -9.69 5.32
CA LEU A 274 0.33 -9.49 5.12
C LEU A 274 1.19 -9.96 6.29
N ARG A 275 0.66 -9.91 7.49
CA ARG A 275 1.45 -10.18 8.68
C ARG A 275 1.14 -11.53 9.30
N GLN A 276 0.14 -12.19 8.73
CA GLN A 276 -0.22 -13.56 9.04
C GLN A 276 1.03 -14.44 9.13
N PRO A 277 1.44 -14.83 10.35
CA PRO A 277 2.66 -15.66 10.47
C PRO A 277 2.43 -17.08 9.92
N PRO A 278 3.47 -17.69 9.33
CA PRO A 278 3.44 -18.97 8.63
C PRO A 278 2.26 -19.92 8.97
N GLY A 279 2.22 -20.43 10.19
CA GLY A 279 1.21 -21.42 10.53
C GLY A 279 -0.22 -20.92 10.67
N MET A 280 -0.43 -19.63 10.41
CA MET A 280 -1.66 -18.94 10.74
C MET A 280 -2.67 -18.70 9.61
N GLU A 281 -2.37 -19.16 8.40
CA GLU A 281 -3.34 -19.01 7.33
C GLU A 281 -4.63 -19.71 7.75
N GLY A 282 -5.76 -19.02 7.62
CA GLY A 282 -7.05 -19.59 7.97
C GLY A 282 -7.37 -19.81 9.45
N ASN A 283 -6.51 -19.34 10.34
CA ASN A 283 -6.82 -19.37 11.77
C ASN A 283 -7.35 -18.03 12.31
N TRP A 284 -7.73 -17.13 11.41
CA TRP A 284 -8.41 -15.91 11.82
C TRP A 284 -9.47 -15.57 10.79
N GLY A 285 -10.45 -14.79 11.21
CA GLY A 285 -11.51 -14.38 10.32
C GLY A 285 -12.20 -13.13 10.78
N THR A 286 -13.32 -12.83 10.15
CA THR A 286 -14.11 -11.67 10.50
C THR A 286 -15.53 -12.14 10.81
N ALA A 287 -16.22 -11.46 11.72
CA ALA A 287 -17.59 -11.84 12.09
C ALA A 287 -18.38 -10.57 12.33
N PRO A 288 -19.65 -10.58 11.96
CA PRO A 288 -20.39 -9.32 12.12
C PRO A 288 -20.61 -9.02 13.59
N LEU A 289 -20.96 -7.78 13.90
CA LEU A 289 -21.03 -7.30 15.29
C LEU A 289 -22.22 -7.90 16.04
N PRO A 290 -21.98 -8.55 17.19
CA PRO A 290 -23.17 -9.00 17.93
C PRO A 290 -24.05 -7.82 18.34
N GLY A 291 -25.35 -8.04 18.41
CA GLY A 291 -26.28 -7.03 18.90
C GLY A 291 -27.04 -7.56 20.11
N PRO A 292 -27.89 -6.72 20.71
CA PRO A 292 -28.64 -7.10 21.92
C PRO A 292 -29.45 -8.40 21.77
N ASN A 293 -30.10 -8.57 20.62
CA ASN A 293 -31.00 -9.70 20.38
C ASN A 293 -30.57 -10.59 19.23
N GLY A 294 -29.41 -10.30 18.67
CA GLY A 294 -28.93 -11.01 17.50
C GLY A 294 -27.96 -10.11 16.79
N LEU A 295 -27.48 -10.55 15.63
CA LEU A 295 -26.55 -9.74 14.87
C LEU A 295 -27.16 -8.37 14.69
N GLY A 296 -26.40 -7.33 14.98
CA GLY A 296 -26.99 -6.01 15.07
C GLY A 296 -26.53 -5.01 14.03
N ALA A 297 -26.92 -3.77 14.25
CA ALA A 297 -26.51 -2.69 13.36
C ALA A 297 -25.05 -2.39 13.57
N GLY A 298 -24.52 -1.50 12.74
CA GLY A 298 -23.15 -1.04 12.86
C GLY A 298 -23.11 0.30 12.18
N ILE A 299 -21.91 0.86 12.05
CA ILE A 299 -21.72 2.19 11.47
C ILE A 299 -21.86 2.13 9.93
N ALA A 300 -22.49 3.15 9.35
CA ALA A 300 -22.52 3.31 7.90
C ALA A 300 -21.53 4.39 7.50
N GLY A 301 -20.24 4.08 7.64
CA GLY A 301 -19.21 5.08 7.38
C GLY A 301 -18.77 4.97 5.95
N GLY A 302 -17.76 5.73 5.56
CA GLY A 302 -17.21 5.64 4.23
C GLY A 302 -17.44 6.95 3.51
N SER A 303 -17.46 6.91 2.18
CA SER A 303 -17.51 8.12 1.38
C SER A 303 -18.60 8.06 0.32
N SER A 304 -19.05 9.22 -0.12
CA SER A 304 -20.02 9.36 -1.20
C SER A 304 -19.35 10.14 -2.31
N LEU A 305 -19.94 10.13 -3.50
CA LEU A 305 -19.51 10.99 -4.57
C LEU A 305 -20.59 12.03 -4.77
N VAL A 306 -20.18 13.28 -4.95
CA VAL A 306 -21.12 14.38 -5.20
C VAL A 306 -20.71 15.19 -6.41
N ILE A 307 -21.67 15.91 -6.97
CA ILE A 307 -21.40 16.87 -8.02
C ILE A 307 -21.66 18.24 -7.40
N PHE A 308 -20.67 19.12 -7.44
CA PHE A 308 -20.91 20.47 -6.94
C PHE A 308 -21.77 21.24 -7.93
N LYS A 309 -22.73 22.01 -7.42
CA LYS A 309 -23.70 22.62 -8.33
C LYS A 309 -23.15 23.81 -9.12
N SER A 310 -21.93 24.23 -8.79
CA SER A 310 -21.23 25.25 -9.58
C SER A 310 -20.52 24.68 -10.83
N SER A 311 -20.56 23.35 -11.00
CA SER A 311 -19.89 22.69 -12.12
C SER A 311 -20.54 23.03 -13.45
N GLN A 312 -19.73 23.15 -14.51
CA GLN A 312 -20.25 23.42 -15.85
C GLN A 312 -20.61 22.13 -16.60
N HIS A 313 -19.93 21.05 -16.27
CA HIS A 313 -20.13 19.78 -16.95
C HIS A 313 -20.74 18.77 -16.01
N LYS A 314 -22.04 18.93 -15.74
CA LYS A 314 -22.69 18.05 -14.80
C LYS A 314 -22.95 16.68 -15.40
N ASP A 315 -23.25 16.63 -16.69
CA ASP A 315 -23.59 15.37 -17.33
C ASP A 315 -22.37 14.48 -17.53
N ALA A 316 -21.22 15.09 -17.85
CA ALA A 316 -19.98 14.33 -17.95
C ALA A 316 -19.66 13.84 -16.56
N SER A 317 -19.86 14.74 -15.60
CA SER A 317 -19.60 14.45 -14.20
C SER A 317 -20.45 13.28 -13.73
N TRP A 318 -21.73 13.28 -14.07
CA TRP A 318 -22.58 12.18 -13.70
C TRP A 318 -22.09 10.87 -14.29
N LYS A 319 -21.65 10.88 -15.55
CA LYS A 319 -21.19 9.65 -16.19
C LYS A 319 -20.02 9.03 -15.42
N LEU A 320 -19.12 9.88 -14.94
CA LEU A 320 -18.01 9.39 -14.15
C LEU A 320 -18.50 8.70 -12.87
N ILE A 321 -19.52 9.26 -12.24
CA ILE A 321 -20.01 8.72 -10.98
C ILE A 321 -20.71 7.40 -11.22
N GLU A 322 -21.43 7.35 -12.33
CA GLU A 322 -22.15 6.17 -12.75
C GLU A 322 -21.17 5.05 -13.02
N TYR A 323 -20.08 5.37 -13.71
CA TYR A 323 -19.02 4.40 -13.99
C TYR A 323 -18.49 3.80 -12.68
N LEU A 324 -18.22 4.67 -11.71
CA LEU A 324 -17.70 4.22 -10.42
C LEU A 324 -18.77 3.50 -9.63
N SER A 325 -20.02 3.56 -10.11
CA SER A 325 -21.12 2.80 -9.51
C SER A 325 -21.39 1.44 -10.17
N GLN A 326 -20.65 1.12 -11.24
CA GLN A 326 -20.80 -0.20 -11.89
C GLN A 326 -20.24 -1.33 -11.03
N PRO A 327 -21.03 -2.39 -10.85
CA PRO A 327 -20.59 -3.49 -10.00
C PRO A 327 -19.16 -3.99 -10.28
N GLN A 328 -18.78 -4.06 -11.55
CA GLN A 328 -17.46 -4.59 -11.88
C GLN A 328 -16.34 -3.61 -11.56
N VAL A 329 -16.63 -2.33 -11.69
CA VAL A 329 -15.66 -1.32 -11.30
C VAL A 329 -15.49 -1.34 -9.77
N GLN A 330 -16.59 -1.51 -9.06
CA GLN A 330 -16.57 -1.52 -7.60
C GLN A 330 -15.80 -2.76 -7.07
N ALA A 331 -16.03 -3.91 -7.70
CA ALA A 331 -15.27 -5.13 -7.38
C ALA A 331 -13.77 -4.89 -7.53
N ARG A 332 -13.40 -4.19 -8.59
CA ARG A 332 -12.00 -3.92 -8.89
C ARG A 332 -11.43 -3.05 -7.77
N PHE A 333 -12.21 -2.03 -7.39
CA PHE A 333 -11.84 -1.11 -6.33
C PHE A 333 -11.63 -1.86 -5.03
N HIS A 334 -12.55 -2.77 -4.72
CA HIS A 334 -12.40 -3.59 -3.50
C HIS A 334 -11.15 -4.45 -3.57
N ALA A 335 -10.91 -5.03 -4.76
CA ALA A 335 -9.78 -5.94 -4.94
C ALA A 335 -8.48 -5.23 -4.64
N ILE A 336 -8.38 -3.97 -5.06
CA ILE A 336 -7.12 -3.25 -4.92
C ILE A 336 -6.90 -2.67 -3.54
N ILE A 337 -7.93 -2.03 -2.99
CA ILE A 337 -7.76 -1.27 -1.75
C ILE A 337 -8.62 -1.78 -0.57
N GLY A 338 -9.55 -2.69 -0.83
CA GLY A 338 -10.31 -3.29 0.26
C GLY A 338 -11.58 -2.56 0.66
N ASP A 339 -11.89 -1.45 -0.01
CA ASP A 339 -13.08 -0.65 0.31
C ASP A 339 -14.35 -1.38 -0.06
N LEU A 340 -15.34 -1.35 0.82
CA LEU A 340 -16.50 -2.21 0.66
C LEU A 340 -17.49 -1.62 -0.35
N PRO A 341 -17.94 -2.45 -1.29
CA PRO A 341 -18.96 -1.97 -2.21
C PRO A 341 -20.23 -1.62 -1.44
N PRO A 342 -20.94 -0.58 -1.90
CA PRO A 342 -22.16 -0.14 -1.21
C PRO A 342 -23.42 -0.76 -1.79
N ARG A 343 -23.32 -1.70 -2.72
CA ARG A 343 -24.52 -2.27 -3.36
C ARG A 343 -24.53 -3.79 -3.46
N ARG A 344 -25.71 -4.40 -3.39
CA ARG A 344 -25.80 -5.86 -3.32
C ARG A 344 -25.26 -6.55 -4.54
N SER A 345 -25.44 -5.95 -5.70
CA SER A 345 -25.06 -6.67 -6.90
C SER A 345 -23.54 -6.80 -7.03
N THR A 346 -22.79 -5.84 -6.49
CA THR A 346 -21.34 -5.99 -6.50
C THR A 346 -20.96 -7.14 -5.60
N TRP A 347 -21.72 -7.32 -4.52
CA TRP A 347 -21.45 -8.38 -3.56
C TRP A 347 -21.77 -9.76 -4.11
N LYS A 348 -22.54 -9.81 -5.19
CA LYS A 348 -22.90 -11.09 -5.80
C LYS A 348 -21.81 -11.58 -6.78
N LEU A 349 -20.95 -10.67 -7.23
CA LEU A 349 -19.84 -11.04 -8.11
C LEU A 349 -18.91 -12.04 -7.41
N PRO A 350 -18.47 -13.06 -8.16
CA PRO A 350 -17.67 -14.12 -7.52
C PRO A 350 -16.44 -13.59 -6.76
N SER A 351 -15.78 -12.57 -7.29
CA SER A 351 -14.71 -11.87 -6.61
C SER A 351 -15.01 -11.63 -5.11
N LEU A 352 -16.22 -11.16 -4.81
CA LEU A 352 -16.63 -10.85 -3.45
C LEU A 352 -17.35 -12.00 -2.75
N ALA A 353 -18.25 -12.66 -3.49
CA ALA A 353 -19.10 -13.68 -2.91
C ALA A 353 -18.34 -14.91 -2.40
N ASN A 354 -17.16 -15.15 -2.98
CA ASN A 354 -16.30 -16.25 -2.55
C ASN A 354 -15.15 -15.83 -1.63
N ASP A 355 -15.20 -14.59 -1.13
CA ASP A 355 -14.14 -14.09 -0.26
C ASP A 355 -14.61 -14.33 1.16
N ALA A 356 -14.00 -15.31 1.81
CA ALA A 356 -14.42 -15.73 3.14
C ALA A 356 -14.27 -14.64 4.19
N LEU A 357 -13.33 -13.73 3.96
CA LEU A 357 -13.10 -12.65 4.92
C LEU A 357 -13.99 -11.44 4.64
N ALA A 358 -14.52 -11.35 3.42
CA ALA A 358 -15.40 -10.23 3.08
C ALA A 358 -16.81 -10.52 3.56
N HIS A 359 -17.15 -11.80 3.74
CA HIS A 359 -18.55 -12.19 3.96
C HIS A 359 -19.17 -11.44 5.14
N ALA A 360 -18.42 -11.30 6.23
CA ALA A 360 -18.98 -10.71 7.44
C ALA A 360 -19.37 -9.26 7.22
N PHE A 361 -18.53 -8.52 6.51
CA PHE A 361 -18.84 -7.14 6.12
C PHE A 361 -20.08 -7.07 5.25
N GLY A 362 -20.17 -7.95 4.26
CA GLY A 362 -21.29 -7.93 3.35
C GLY A 362 -22.57 -8.20 4.11
N ASP A 363 -22.52 -9.12 5.06
CA ASP A 363 -23.70 -9.37 5.88
C ASP A 363 -24.07 -8.15 6.77
N GLN A 364 -23.07 -7.53 7.39
CA GLN A 364 -23.35 -6.42 8.34
C GLN A 364 -23.93 -5.20 7.62
N LEU A 365 -23.50 -5.00 6.37
CA LEU A 365 -23.98 -3.89 5.56
C LEU A 365 -25.49 -3.87 5.44
N GLU A 366 -26.13 -5.02 5.64
CA GLU A 366 -27.60 -5.06 5.54
C GLU A 366 -28.22 -4.35 6.73
N ARG A 367 -27.43 -4.10 7.77
CA ARG A 367 -27.97 -3.60 9.03
C ARG A 367 -27.40 -2.24 9.47
N VAL A 368 -26.39 -1.74 8.76
CA VAL A 368 -25.76 -0.48 9.16
C VAL A 368 -26.79 0.64 9.14
N LYS A 369 -26.60 1.62 10.03
CA LYS A 369 -27.54 2.74 10.23
C LYS A 369 -26.78 4.04 10.13
N ALA A 370 -27.39 5.05 9.52
CA ALA A 370 -26.81 6.38 9.44
C ALA A 370 -26.85 7.08 10.82
N THR A 371 -25.82 7.87 11.12
CA THR A 371 -25.81 8.69 12.33
C THR A 371 -26.67 9.92 12.08
N PRO A 372 -27.13 10.61 13.14
CA PRO A 372 -27.99 11.79 12.93
C PRO A 372 -27.35 12.77 11.97
N LYS A 373 -28.11 13.32 11.02
CA LYS A 373 -27.52 14.12 9.96
C LYS A 373 -27.41 15.60 10.30
N VAL A 374 -26.66 15.90 11.35
CA VAL A 374 -26.37 17.28 11.71
C VAL A 374 -24.91 17.61 11.46
N LEU A 375 -24.72 18.83 10.98
CA LEU A 375 -23.42 19.41 10.73
C LEU A 375 -22.47 19.23 11.94
N GLU A 376 -23.00 19.31 13.15
CA GLU A 376 -22.15 19.21 14.34
C GLU A 376 -21.88 17.79 14.86
N TRP A 377 -22.26 16.80 14.06
CA TRP A 377 -22.09 15.40 14.47
C TRP A 377 -20.64 15.02 14.85
N GLU A 378 -19.66 15.44 14.08
CA GLU A 378 -18.29 15.08 14.44
C GLU A 378 -17.87 15.62 15.79
N ARG A 379 -18.22 16.87 16.09
CA ARG A 379 -17.94 17.44 17.42
C ARG A 379 -18.63 16.59 18.49
N ILE A 380 -19.88 16.24 18.24
CA ILE A 380 -20.64 15.46 19.20
C ILE A 380 -19.96 14.13 19.56
N VAL A 381 -19.49 13.36 18.57
CA VAL A 381 -18.89 12.07 18.91
C VAL A 381 -17.55 12.24 19.58
N GLN A 382 -16.83 13.33 19.28
CA GLN A 382 -15.63 13.62 20.04
C GLN A 382 -15.95 13.83 21.52
N GLU A 383 -17.00 14.57 21.85
CA GLU A 383 -17.39 14.70 23.26
C GLU A 383 -17.76 13.33 23.83
N MET A 384 -18.50 12.53 23.07
CA MET A 384 -18.97 11.26 23.57
C MET A 384 -17.76 10.44 23.99
N ARG A 385 -16.74 10.43 23.15
CA ARG A 385 -15.60 9.58 23.40
C ARG A 385 -14.78 10.10 24.62
N LEU A 386 -14.73 11.42 24.80
CA LEU A 386 -13.98 11.97 25.93
C LEU A 386 -14.62 11.54 27.22
N VAL A 387 -15.95 11.56 27.23
CA VAL A 387 -16.70 11.20 28.43
C VAL A 387 -16.57 9.71 28.69
N THR A 388 -16.63 8.89 27.65
CA THR A 388 -16.60 7.45 27.90
C THR A 388 -15.23 6.99 28.40
N GLU A 389 -14.17 7.60 27.89
CA GLU A 389 -12.84 7.25 28.38
C GLU A 389 -12.72 7.61 29.86
N ARG A 390 -13.43 8.66 30.28
CA ARG A 390 -13.40 9.05 31.68
C ARG A 390 -14.17 8.04 32.54
N VAL A 391 -15.29 7.58 32.00
CA VAL A 391 -16.05 6.52 32.63
C VAL A 391 -15.19 5.28 32.79
N VAL A 392 -14.52 4.86 31.72
CA VAL A 392 -13.69 3.67 31.77
C VAL A 392 -12.47 3.80 32.68
N ARG A 393 -11.72 4.89 32.54
CA ARG A 393 -10.48 5.05 33.27
C ARG A 393 -10.72 5.61 34.67
N GLY A 394 -11.51 6.67 34.78
CA GLY A 394 -11.68 7.35 36.06
C GLY A 394 -12.83 6.82 36.88
N GLY A 395 -13.62 5.91 36.34
CA GLY A 395 -14.76 5.42 37.09
C GLY A 395 -15.85 6.46 37.28
N GLN A 396 -15.83 7.55 36.52
CA GLN A 396 -16.97 8.46 36.51
C GLN A 396 -18.26 7.64 36.40
N SER A 397 -19.31 8.06 37.10
CA SER A 397 -20.58 7.32 37.06
C SER A 397 -21.31 7.49 35.73
N HIS A 398 -22.18 6.54 35.41
CA HIS A 398 -22.87 6.55 34.13
C HIS A 398 -23.91 7.65 34.16
N ASP A 399 -24.58 7.81 35.30
CA ASP A 399 -25.52 8.93 35.47
C ASP A 399 -24.83 10.26 35.21
N ALA A 400 -23.66 10.48 35.82
CA ALA A 400 -22.92 11.73 35.69
C ALA A 400 -22.47 11.88 34.24
N ALA A 401 -21.96 10.78 33.68
CA ALA A 401 -21.43 10.78 32.31
C ALA A 401 -22.49 11.29 31.35
N VAL A 402 -23.66 10.65 31.34
CA VAL A 402 -24.66 10.96 30.30
C VAL A 402 -25.29 12.35 30.52
N GLN A 403 -25.39 12.76 31.77
CA GLN A 403 -25.89 14.09 32.10
C GLN A 403 -24.94 15.14 31.53
N GLU A 404 -23.66 14.91 31.78
CA GLU A 404 -22.62 15.84 31.35
C GLU A 404 -22.53 15.84 29.83
N LEU A 405 -22.60 14.66 29.21
CA LEU A 405 -22.52 14.57 27.75
C LEU A 405 -23.66 15.36 27.12
N ASP A 406 -24.89 15.12 27.56
CA ASP A 406 -26.02 15.94 27.11
C ASP A 406 -25.81 17.46 27.27
N GLN A 407 -25.24 17.87 28.40
CA GLN A 407 -24.93 19.29 28.59
C GLN A 407 -23.99 19.77 27.51
N ARG A 408 -22.90 19.04 27.27
CA ARG A 408 -21.96 19.44 26.22
C ARG A 408 -22.65 19.44 24.86
N VAL A 409 -23.46 18.42 24.59
CA VAL A 409 -24.08 18.32 23.26
C VAL A 409 -25.12 19.42 23.06
N ASP A 410 -25.88 19.72 24.11
CA ASP A 410 -26.83 20.83 24.08
C ASP A 410 -26.17 22.18 23.78
N GLU A 411 -24.96 22.40 24.30
CA GLU A 411 -24.19 23.60 23.93
C GLU A 411 -23.76 23.56 22.47
N ILE A 412 -23.19 22.43 22.05
CA ILE A 412 -22.80 22.29 20.64
C ILE A 412 -23.98 22.59 19.69
N LEU A 413 -25.17 22.14 20.07
CA LEU A 413 -26.35 22.28 19.21
C LEU A 413 -27.06 23.62 19.40
N ALA A 414 -26.49 24.52 20.19
CA ALA A 414 -27.19 25.74 20.54
C ALA A 414 -27.54 26.58 19.32
N LYS A 415 -26.62 26.73 18.37
CA LYS A 415 -26.90 27.57 17.21
C LYS A 415 -28.00 26.94 16.36
N ARG A 416 -27.87 25.65 16.09
CA ARG A 416 -28.90 24.90 15.37
C ARG A 416 -30.26 25.08 16.05
N ARG A 417 -30.34 24.79 17.34
CA ARG A 417 -31.59 24.94 18.09
C ARG A 417 -32.16 26.36 18.03
N TRP A 418 -31.29 27.36 18.07
CA TRP A 418 -31.72 28.76 18.07
C TRP A 418 -32.31 29.16 16.74
N ILE A 419 -31.61 28.80 15.68
CA ILE A 419 -32.13 29.01 14.34
C ILE A 419 -33.51 28.35 14.20
N PHE A 420 -33.68 27.16 14.77
CA PHE A 420 -34.96 26.46 14.70
C PHE A 420 -36.06 27.24 15.42
N GLU A 421 -35.74 27.76 16.60
CA GLU A 421 -36.69 28.53 17.38
C GLU A 421 -37.05 29.86 16.71
N GLN A 422 -36.11 30.43 15.96
CA GLN A 422 -36.30 31.76 15.39
C GLN A 422 -37.08 31.77 14.09
N GLU A 423 -36.88 30.74 13.30
CA GLU A 423 -37.57 30.60 12.02
C GLU A 423 -38.72 29.62 12.19
N GLY A 424 -38.87 28.72 11.23
CA GLY A 424 -39.84 27.65 11.35
C GLY A 424 -39.16 26.40 11.88
N GLY A 425 -38.01 26.08 11.30
CA GLY A 425 -37.29 24.84 11.61
C GLY A 425 -36.19 24.52 10.61
N THR B 30 19.48 3.02 26.22
CA THR B 30 20.46 3.06 25.14
C THR B 30 19.79 2.97 23.75
N THR B 31 19.75 4.09 23.04
CA THR B 31 19.01 4.18 21.78
C THR B 31 19.89 4.44 20.54
N VAL B 32 19.68 3.62 19.51
CA VAL B 32 20.40 3.76 18.23
C VAL B 32 19.52 4.46 17.19
N ARG B 33 20.09 5.45 16.52
CA ARG B 33 19.34 6.22 15.52
C ARG B 33 19.57 5.66 14.10
N PHE B 34 18.49 5.17 13.49
CA PHE B 34 18.58 4.43 12.24
C PHE B 34 17.59 4.96 11.20
N TRP B 35 18.11 5.37 10.05
CA TRP B 35 17.31 5.95 8.97
C TRP B 35 17.00 4.93 7.87
N ALA B 36 15.79 4.99 7.35
CA ALA B 36 15.35 4.15 6.23
C ALA B 36 14.47 5.01 5.32
N MET B 37 14.07 4.45 4.17
CA MET B 37 13.31 5.22 3.18
C MET B 37 11.95 4.63 2.80
N GLY B 38 10.91 5.46 2.90
CA GLY B 38 9.58 5.11 2.41
C GLY B 38 8.96 3.89 3.05
N LYS B 39 8.45 2.98 2.20
CA LYS B 39 7.73 1.81 2.67
C LYS B 39 8.62 0.93 3.54
N GLU B 40 9.88 0.79 3.14
CA GLU B 40 10.84 0.00 3.91
C GLU B 40 11.00 0.53 5.33
N ALA B 41 10.97 1.86 5.48
CA ALA B 41 11.10 2.48 6.79
C ALA B 41 9.91 2.13 7.68
N GLU B 42 8.71 2.27 7.13
CA GLU B 42 7.49 2.00 7.88
C GLU B 42 7.41 0.55 8.32
N VAL B 43 7.82 -0.36 7.45
CA VAL B 43 7.75 -1.77 7.78
C VAL B 43 8.89 -2.18 8.70
N VAL B 44 10.08 -1.70 8.41
CA VAL B 44 11.22 -2.00 9.27
C VAL B 44 10.98 -1.43 10.68
N ALA B 45 10.22 -0.35 10.76
CA ALA B 45 9.86 0.22 12.07
C ALA B 45 9.07 -0.78 12.91
N GLU B 46 8.23 -1.58 12.24
CA GLU B 46 7.45 -2.58 12.94
C GLU B 46 8.31 -3.75 13.41
N LEU B 47 9.43 -3.93 12.71
CA LEU B 47 10.31 -5.06 12.98
C LEU B 47 11.25 -4.82 14.18
N VAL B 48 11.60 -3.56 14.41
CA VAL B 48 12.45 -3.22 15.56
C VAL B 48 11.69 -3.53 16.83
N ALA B 49 10.37 -3.37 16.80
CA ALA B 49 9.52 -3.69 17.93
C ALA B 49 9.94 -5.03 18.50
N ASP B 50 10.01 -6.03 17.64
CA ASP B 50 10.42 -7.36 18.06
C ASP B 50 11.87 -7.37 18.50
N PHE B 51 12.63 -6.39 18.02
CA PHE B 51 14.06 -6.31 18.32
C PHE B 51 14.40 -5.56 19.62
N GLU B 52 13.91 -4.33 19.76
CA GLU B 52 14.13 -3.55 20.97
C GLU B 52 13.29 -4.14 22.10
N LYS B 53 13.33 -5.47 22.16
CA LYS B 53 12.50 -6.27 23.05
C LYS B 53 13.18 -7.63 23.04
N GLN B 54 13.75 -7.97 21.89
CA GLN B 54 14.69 -9.07 21.78
C GLN B 54 15.87 -8.69 22.66
N ASN B 55 15.98 -7.39 22.92
CA ASN B 55 17.00 -6.82 23.78
C ASN B 55 16.48 -5.51 24.36
N PRO B 56 15.80 -5.59 25.52
CA PRO B 56 15.26 -4.42 26.23
C PRO B 56 16.34 -3.39 26.56
N THR B 57 17.60 -3.82 26.44
CA THR B 57 18.75 -2.92 26.59
C THR B 57 18.65 -1.79 25.59
N ILE B 58 18.35 -2.14 24.35
CA ILE B 58 18.35 -1.20 23.23
C ILE B 58 16.97 -0.65 22.89
N HIS B 59 16.96 0.62 22.49
CA HIS B 59 15.79 1.21 21.83
C HIS B 59 16.26 1.67 20.46
N VAL B 60 15.43 1.46 19.44
CA VAL B 60 15.80 1.88 18.09
C VAL B 60 14.90 2.97 17.54
N ASP B 61 15.46 4.16 17.34
CA ASP B 61 14.73 5.27 16.75
C ASP B 61 14.76 5.18 15.23
N VAL B 62 13.63 4.78 14.64
CA VAL B 62 13.52 4.68 13.19
C VAL B 62 13.03 5.99 12.57
N GLN B 63 13.73 6.45 11.55
CA GLN B 63 13.34 7.66 10.80
C GLN B 63 12.93 7.28 9.39
N ASN B 64 11.99 8.03 8.82
CA ASN B 64 11.53 7.77 7.46
C ASN B 64 11.83 8.93 6.53
N ILE B 65 12.92 8.83 5.78
CA ILE B 65 13.28 9.88 4.81
C ILE B 65 12.70 9.61 3.44
N PRO B 66 12.07 10.62 2.83
CA PRO B 66 11.62 10.51 1.45
C PRO B 66 12.79 10.18 0.54
N MET B 67 12.62 9.17 -0.31
CA MET B 67 13.73 8.70 -1.13
C MET B 67 14.29 9.81 -2.02
N THR B 68 13.41 10.69 -2.48
CA THR B 68 13.82 11.76 -3.38
C THR B 68 14.59 12.87 -2.66
N ALA B 69 14.51 12.90 -1.34
CA ALA B 69 15.21 13.91 -0.55
C ALA B 69 16.37 13.31 0.25
N ALA B 70 16.48 11.98 0.24
CA ALA B 70 17.43 11.27 1.10
C ALA B 70 18.91 11.55 0.84
N HIS B 71 19.29 11.75 -0.43
CA HIS B 71 20.70 11.95 -0.72
C HIS B 71 21.22 13.25 -0.13
N GLU B 72 20.40 14.31 -0.17
CA GLU B 72 20.78 15.58 0.43
C GLU B 72 20.81 15.48 1.94
N LYS B 73 19.72 15.00 2.53
CA LYS B 73 19.59 14.90 3.97
C LYS B 73 20.65 13.99 4.59
N LEU B 74 21.56 13.48 3.75
CA LEU B 74 22.73 12.77 4.24
C LEU B 74 23.97 13.64 4.11
N LEU B 75 24.07 14.36 3.00
CA LEU B 75 25.18 15.28 2.77
C LEU B 75 25.17 16.43 3.80
N THR B 76 23.98 16.94 4.08
CA THR B 76 23.82 18.01 5.04
C THR B 76 23.93 17.49 6.46
N ALA B 77 23.40 16.30 6.70
CA ALA B 77 23.50 15.69 8.02
C ALA B 77 24.90 15.17 8.30
N PHE B 78 25.80 15.33 7.31
CA PHE B 78 27.18 14.91 7.46
C PHE B 78 28.08 16.09 7.83
N ALA B 79 27.96 17.17 7.07
CA ALA B 79 28.71 18.39 7.36
C ALA B 79 28.39 18.88 8.76
N ALA B 80 27.22 18.49 9.26
CA ALA B 80 26.74 18.95 10.55
C ALA B 80 26.79 17.85 11.61
N ASP B 81 27.69 16.88 11.41
CA ASP B 81 27.79 15.73 12.31
C ASP B 81 26.44 15.33 12.89
N GLY B 82 25.48 15.08 12.00
CA GLY B 82 24.15 14.69 12.41
C GLY B 82 23.70 13.46 11.64
N LEU B 83 24.63 12.54 11.42
CA LEU B 83 24.33 11.28 10.76
C LEU B 83 23.95 10.22 11.78
N PRO B 84 23.08 9.29 11.37
CA PRO B 84 22.60 8.18 12.22
C PRO B 84 23.65 7.10 12.44
N ASP B 85 23.30 6.09 13.23
CA ASP B 85 24.19 4.97 13.48
C ASP B 85 24.13 3.95 12.35
N VAL B 86 22.92 3.46 12.06
CA VAL B 86 22.71 2.56 10.93
C VAL B 86 21.91 3.27 9.84
N CYS B 87 22.14 2.93 8.59
CA CYS B 87 21.46 3.58 7.47
C CYS B 87 21.19 2.65 6.30
N GLN B 88 19.96 2.68 5.80
CA GLN B 88 19.61 1.99 4.57
C GLN B 88 20.22 2.79 3.43
N LEU B 89 21.06 2.14 2.63
CA LEU B 89 21.69 2.81 1.51
C LEU B 89 21.44 2.05 0.20
N GLY B 90 20.81 2.73 -0.76
CA GLY B 90 20.71 2.22 -2.11
C GLY B 90 22.10 1.80 -2.53
N ASN B 91 22.27 0.52 -2.87
CA ASN B 91 23.61 -0.03 -2.96
C ASN B 91 24.47 0.58 -4.06
N THR B 92 23.89 1.41 -4.92
CA THR B 92 24.70 2.17 -5.87
C THR B 92 25.27 3.44 -5.21
N TRP B 93 25.00 3.61 -3.92
CA TRP B 93 25.49 4.76 -3.15
C TRP B 93 26.67 4.41 -2.24
N LEU B 94 26.94 3.12 -2.11
CA LEU B 94 28.09 2.66 -1.34
C LEU B 94 29.43 3.20 -1.86
N PRO B 95 29.56 3.37 -3.19
CA PRO B 95 30.79 3.99 -3.67
C PRO B 95 30.99 5.38 -3.07
N GLU B 96 30.17 6.34 -3.49
CA GLU B 96 30.28 7.73 -3.04
C GLU B 96 30.57 7.89 -1.54
N PHE B 97 29.90 7.09 -0.71
CA PHE B 97 30.01 7.27 0.74
C PHE B 97 31.25 6.63 1.37
N ALA B 98 31.64 5.45 0.90
CA ALA B 98 32.87 4.84 1.41
C ALA B 98 34.04 5.72 1.04
N LEU B 99 33.89 6.45 -0.07
CA LEU B 99 34.94 7.34 -0.55
C LEU B 99 34.96 8.64 0.23
N LEU B 100 33.79 9.14 0.62
CA LEU B 100 33.72 10.26 1.55
C LEU B 100 34.22 9.83 2.93
N ASP B 101 34.78 8.63 3.00
CA ASP B 101 35.18 8.01 4.26
C ASP B 101 34.17 8.30 5.35
N THR B 102 33.01 7.68 5.24
CA THR B 102 31.93 7.86 6.21
C THR B 102 31.42 6.49 6.62
N LEU B 103 31.93 5.48 5.93
CA LEU B 103 31.40 4.13 6.08
C LEU B 103 32.35 3.25 6.88
N GLU B 104 31.83 2.68 7.95
CA GLU B 104 32.57 1.79 8.82
C GLU B 104 32.94 0.48 8.12
N PRO B 105 34.24 0.25 7.91
CA PRO B 105 34.69 -1.05 7.42
C PRO B 105 33.94 -2.17 8.13
N MET B 106 33.45 -3.17 7.42
CA MET B 106 32.48 -4.10 8.00
C MET B 106 32.87 -5.58 8.06
N GLN B 107 33.97 -5.96 7.41
CA GLN B 107 34.39 -7.37 7.43
C GLN B 107 34.64 -7.91 8.84
N PRO B 108 35.27 -7.09 9.71
CA PRO B 108 35.46 -7.56 11.08
C PRO B 108 34.19 -8.16 11.69
N TYR B 109 33.11 -7.38 11.71
CA TYR B 109 31.87 -7.80 12.36
C TYR B 109 31.28 -9.06 11.74
N VAL B 110 31.57 -9.27 10.46
CA VAL B 110 31.04 -10.42 9.74
C VAL B 110 31.71 -11.72 10.20
N ALA B 111 33.04 -11.67 10.32
CA ALA B 111 33.80 -12.81 10.84
C ALA B 111 33.35 -13.19 12.25
N ARG B 112 33.24 -12.19 13.13
CA ARG B 112 32.80 -12.40 14.50
C ARG B 112 31.38 -12.95 14.58
N SER B 113 30.57 -12.61 13.59
CA SER B 113 29.16 -12.99 13.58
C SER B 113 28.94 -14.40 13.05
N LYS B 114 28.25 -15.21 13.84
CA LYS B 114 27.87 -16.53 13.41
C LYS B 114 26.73 -16.39 12.41
N ILE B 115 25.94 -15.33 12.59
CA ILE B 115 24.78 -15.05 11.73
C ILE B 115 25.15 -14.68 10.30
N VAL B 116 25.83 -13.55 10.13
CA VAL B 116 26.20 -13.07 8.80
C VAL B 116 27.30 -13.93 8.18
N ASP B 117 26.89 -15.04 7.55
CA ASP B 117 27.81 -15.91 6.81
C ASP B 117 27.83 -15.52 5.34
N PRO B 118 28.90 -14.83 4.91
CA PRO B 118 29.01 -14.29 3.55
C PRO B 118 28.77 -15.34 2.47
N ALA B 119 29.00 -16.60 2.81
CA ALA B 119 28.81 -17.69 1.86
C ALA B 119 27.35 -18.02 1.61
N ASP B 120 26.47 -17.61 2.54
CA ASP B 120 25.04 -17.85 2.37
C ASP B 120 24.41 -16.74 1.51
N TYR B 121 25.18 -15.67 1.29
CA TYR B 121 24.73 -14.57 0.45
C TYR B 121 24.98 -14.84 -1.04
N PHE B 122 24.11 -14.31 -1.88
CA PHE B 122 24.27 -14.43 -3.32
C PHE B 122 25.54 -13.70 -3.77
N PRO B 123 26.31 -14.34 -4.66
CA PRO B 123 27.59 -13.78 -5.10
C PRO B 123 27.47 -12.29 -5.48
N GLY B 124 26.71 -12.03 -6.54
CA GLY B 124 26.63 -10.69 -7.10
C GLY B 124 26.06 -9.68 -6.12
N VAL B 125 25.18 -10.14 -5.25
CA VAL B 125 24.57 -9.26 -4.28
C VAL B 125 25.63 -8.80 -3.27
N TRP B 126 26.34 -9.76 -2.69
CA TRP B 126 27.39 -9.47 -1.71
C TRP B 126 28.46 -8.57 -2.32
N ASP B 127 28.81 -8.86 -3.56
CA ASP B 127 29.81 -8.10 -4.30
C ASP B 127 29.50 -6.60 -4.37
N THR B 128 28.22 -6.24 -4.32
CA THR B 128 27.85 -4.83 -4.45
C THR B 128 28.21 -4.04 -3.21
N ASN B 129 28.60 -4.74 -2.15
CA ASN B 129 28.99 -4.12 -0.89
C ASN B 129 30.50 -3.97 -0.72
N LEU B 130 31.24 -4.39 -1.74
CA LEU B 130 32.69 -4.32 -1.73
C LEU B 130 33.17 -3.10 -2.50
N VAL B 131 33.99 -2.26 -1.87
CA VAL B 131 34.64 -1.16 -2.58
C VAL B 131 36.16 -1.22 -2.40
N ASP B 132 36.88 -1.36 -3.50
CA ASP B 132 38.35 -1.41 -3.47
C ASP B 132 38.88 -2.58 -2.65
N GLY B 133 38.06 -3.62 -2.55
CA GLY B 133 38.47 -4.84 -1.86
C GLY B 133 38.01 -4.88 -0.42
N THR B 134 37.60 -3.73 0.11
CA THR B 134 37.14 -3.67 1.50
C THR B 134 35.61 -3.51 1.60
N LEU B 135 35.00 -4.31 2.48
CA LEU B 135 33.55 -4.29 2.67
C LEU B 135 33.08 -3.03 3.41
N TYR B 136 31.94 -2.50 3.01
CA TYR B 136 31.41 -1.29 3.62
C TYR B 136 29.91 -1.39 3.91
N GLY B 137 29.42 -2.62 4.06
CA GLY B 137 28.01 -2.83 4.34
C GLY B 137 27.56 -4.28 4.24
N VAL B 138 26.33 -4.53 4.64
CA VAL B 138 25.73 -5.86 4.50
C VAL B 138 24.41 -5.75 3.74
N PRO B 139 24.21 -6.60 2.71
CA PRO B 139 23.00 -6.46 1.90
C PRO B 139 21.72 -6.66 2.73
N TRP B 140 20.78 -5.75 2.58
CA TRP B 140 19.52 -5.83 3.31
C TRP B 140 18.44 -6.51 2.46
N TYR B 141 18.24 -6.00 1.26
CA TYR B 141 17.28 -6.63 0.34
C TYR B 141 17.64 -6.38 -1.12
N VAL B 142 17.13 -7.23 -2.00
CA VAL B 142 17.53 -7.17 -3.40
C VAL B 142 16.41 -6.79 -4.34
N ASP B 143 16.75 -5.92 -5.28
CA ASP B 143 15.88 -5.58 -6.38
C ASP B 143 16.52 -6.05 -7.68
N THR B 144 15.88 -7.00 -8.35
CA THR B 144 16.32 -7.40 -9.68
C THR B 144 15.13 -7.38 -10.63
N ARG B 145 15.40 -7.31 -11.92
CA ARG B 145 14.35 -7.18 -12.91
C ARG B 145 14.26 -8.40 -13.81
N LEU B 146 13.05 -8.93 -14.00
CA LEU B 146 12.84 -10.06 -14.87
C LEU B 146 11.47 -9.98 -15.51
N LEU B 147 11.00 -11.08 -16.09
CA LEU B 147 9.80 -11.09 -16.91
C LEU B 147 8.54 -11.57 -16.20
N PHE B 148 7.53 -10.69 -16.12
CA PHE B 148 6.18 -11.08 -15.78
C PHE B 148 5.52 -11.43 -17.09
N TYR B 149 4.76 -12.52 -17.12
CA TYR B 149 4.22 -13.01 -18.39
C TYR B 149 2.82 -13.60 -18.26
N ARG B 150 2.03 -13.40 -19.31
CA ARG B 150 0.74 -14.08 -19.46
C ARG B 150 0.91 -15.53 -19.92
N LYS B 151 0.56 -16.50 -19.08
CA LYS B 151 0.74 -17.91 -19.47
C LYS B 151 -0.19 -18.30 -20.62
N ASP B 152 -1.39 -17.71 -20.63
CA ASP B 152 -2.37 -18.02 -21.66
C ASP B 152 -1.94 -17.51 -23.03
N LEU B 153 -1.51 -16.26 -23.10
CA LEU B 153 -0.99 -15.72 -24.36
C LEU B 153 0.22 -16.53 -24.86
N LEU B 154 1.11 -16.88 -23.94
CA LEU B 154 2.29 -17.70 -24.25
C LEU B 154 1.89 -19.05 -24.82
N ARG B 155 0.88 -19.66 -24.21
CA ARG B 155 0.41 -20.98 -24.61
C ARG B 155 -0.25 -20.85 -25.99
N GLU B 156 -0.98 -19.76 -26.20
CA GLU B 156 -1.65 -19.51 -27.48
C GLU B 156 -0.68 -19.24 -28.62
N ALA B 157 0.52 -18.78 -28.28
CA ALA B 157 1.56 -18.57 -29.29
C ALA B 157 2.27 -19.87 -29.57
N GLY B 158 1.88 -20.92 -28.85
CA GLY B 158 2.44 -22.25 -29.06
C GLY B 158 3.51 -22.72 -28.10
N TYR B 159 3.71 -22.02 -26.98
CA TYR B 159 4.75 -22.42 -26.04
C TYR B 159 4.21 -22.83 -24.69
N SER B 160 4.83 -23.84 -24.09
CA SER B 160 4.44 -24.33 -22.77
C SER B 160 5.42 -23.85 -21.71
N GLN B 161 6.56 -23.33 -22.16
CA GLN B 161 7.58 -22.79 -21.28
C GLN B 161 8.02 -21.42 -21.76
N MET B 162 8.55 -20.61 -20.85
CA MET B 162 9.17 -19.35 -21.24
C MET B 162 10.56 -19.61 -21.85
N PRO B 163 10.95 -18.81 -22.85
CA PRO B 163 12.28 -18.92 -23.47
C PRO B 163 13.42 -18.66 -22.47
N LYS B 164 14.57 -19.29 -22.68
CA LYS B 164 15.72 -19.11 -21.79
C LYS B 164 16.92 -18.45 -22.47
N THR B 165 16.82 -18.28 -23.78
CA THR B 165 17.89 -17.62 -24.55
C THR B 165 17.35 -16.43 -25.31
N TRP B 166 18.23 -15.52 -25.70
CA TRP B 166 17.84 -14.39 -26.54
C TRP B 166 17.22 -14.80 -27.87
N ALA B 167 17.88 -15.71 -28.59
CA ALA B 167 17.35 -16.22 -29.86
C ALA B 167 15.93 -16.79 -29.68
N GLU B 168 15.77 -17.66 -28.69
CA GLU B 168 14.45 -18.24 -28.44
C GLU B 168 13.45 -17.16 -28.01
N MET B 169 13.94 -16.14 -27.31
CA MET B 169 13.02 -15.12 -26.83
C MET B 169 12.49 -14.35 -28.03
N GLU B 170 13.36 -14.08 -29.00
CA GLU B 170 12.96 -13.43 -30.26
C GLU B 170 11.91 -14.27 -31.00
N GLN B 171 12.15 -15.58 -31.03
CA GLN B 171 11.23 -16.51 -31.66
C GLN B 171 9.87 -16.42 -30.93
N VAL B 172 9.89 -16.46 -29.60
CA VAL B 172 8.64 -16.41 -28.85
C VAL B 172 7.89 -15.10 -29.04
N MET B 173 8.62 -13.97 -29.02
CA MET B 173 7.97 -12.66 -29.19
C MET B 173 7.34 -12.48 -30.57
N ALA B 174 8.00 -13.02 -31.59
CA ALA B 174 7.48 -12.97 -32.96
C ALA B 174 6.20 -13.80 -33.12
N ALA B 175 6.15 -14.95 -32.47
CA ALA B 175 4.94 -15.77 -32.47
C ALA B 175 3.81 -15.04 -31.76
N ILE B 176 4.09 -14.52 -30.57
CA ILE B 176 3.06 -13.80 -29.84
C ILE B 176 2.48 -12.66 -30.69
N LYS B 177 3.35 -11.82 -31.24
CA LYS B 177 2.96 -10.69 -32.07
C LYS B 177 2.05 -11.11 -33.25
N ARG B 178 2.38 -12.21 -33.91
CA ARG B 178 1.50 -12.68 -34.98
C ARG B 178 0.11 -12.96 -34.43
N LYS B 179 0.08 -13.59 -33.26
CA LYS B 179 -1.16 -13.97 -32.63
C LYS B 179 -2.03 -12.78 -32.19
N VAL B 180 -1.40 -11.71 -31.71
CA VAL B 180 -2.16 -10.62 -31.08
C VAL B 180 -2.48 -9.45 -32.01
N GLY B 181 -1.75 -9.37 -33.13
CA GLY B 181 -2.03 -8.36 -34.13
C GLY B 181 -1.17 -7.13 -34.00
N PRO B 182 -1.31 -6.18 -34.94
CA PRO B 182 -0.44 -5.00 -35.08
C PRO B 182 -0.63 -3.95 -33.98
N ASP B 183 -1.78 -3.96 -33.31
CA ASP B 183 -2.08 -2.95 -32.30
C ASP B 183 -1.96 -3.55 -30.90
N ARG B 184 -1.39 -4.75 -30.82
CA ARG B 184 -1.05 -5.39 -29.56
C ARG B 184 0.41 -5.84 -29.64
N TYR B 185 1.03 -6.05 -28.49
CA TYR B 185 2.48 -6.18 -28.43
C TYR B 185 2.92 -7.40 -27.61
N ALA B 186 4.20 -7.74 -27.72
CA ALA B 186 4.69 -8.90 -27.01
C ALA B 186 5.22 -8.50 -25.64
N ILE B 187 5.80 -7.30 -25.54
CA ILE B 187 6.48 -6.90 -24.32
C ILE B 187 6.45 -5.40 -24.14
N LEU B 188 6.30 -4.97 -22.88
CA LEU B 188 6.37 -3.53 -22.58
C LEU B 188 7.65 -3.23 -21.85
N MET B 189 8.47 -2.36 -22.46
CA MET B 189 9.69 -1.82 -21.85
C MET B 189 9.70 -0.32 -22.04
N PRO B 190 9.24 0.45 -21.03
CA PRO B 190 9.12 1.89 -21.30
C PRO B 190 10.48 2.52 -21.55
N LEU B 191 10.56 3.35 -22.59
CA LEU B 191 11.82 3.91 -23.07
C LEU B 191 12.48 4.91 -22.12
N ASN B 192 11.76 5.37 -21.11
CA ASN B 192 12.33 6.29 -20.13
C ASN B 192 13.03 5.54 -19.00
N GLU B 193 13.07 4.23 -19.09
CA GLU B 193 13.72 3.43 -18.06
C GLU B 193 15.00 2.85 -18.62
N PHE B 194 16.00 2.71 -17.76
CA PHE B 194 17.29 2.22 -18.23
C PHE B 194 17.51 0.78 -17.80
N GLU B 195 16.67 0.27 -16.91
CA GLU B 195 16.97 -1.03 -16.30
C GLU B 195 16.94 -2.19 -17.29
N GLN B 196 16.12 -2.07 -18.34
CA GLN B 196 16.00 -3.14 -19.30
C GLN B 196 17.28 -3.25 -20.12
N GLN B 197 17.71 -2.14 -20.72
CA GLN B 197 18.96 -2.13 -21.48
C GLN B 197 20.06 -2.61 -20.57
N LEU B 198 20.09 -2.08 -19.35
CA LEU B 198 21.17 -2.41 -18.42
C LEU B 198 21.21 -3.91 -18.16
N SER B 199 20.04 -4.53 -17.95
CA SER B 199 20.02 -5.96 -17.63
C SER B 199 20.64 -6.78 -18.76
N PHE B 200 20.30 -6.41 -19.99
CA PHE B 200 20.82 -7.12 -21.15
C PHE B 200 22.31 -6.82 -21.31
N ALA B 201 22.69 -5.57 -21.09
CA ALA B 201 24.10 -5.21 -21.13
C ALA B 201 24.91 -6.05 -20.13
N LEU B 202 24.38 -6.25 -18.93
CA LEU B 202 25.08 -6.98 -17.87
C LEU B 202 25.24 -8.47 -18.16
N GLN B 203 24.47 -8.99 -19.10
CA GLN B 203 24.53 -10.41 -19.44
C GLN B 203 25.71 -10.75 -20.34
N GLN B 204 26.40 -9.73 -20.84
CA GLN B 204 27.60 -9.93 -21.62
C GLN B 204 28.77 -10.18 -20.68
N ASP B 205 29.85 -10.75 -21.20
CA ASP B 205 31.06 -10.96 -20.41
C ASP B 205 31.88 -9.67 -20.37
N ASP B 206 31.55 -8.75 -21.28
CA ASP B 206 32.11 -7.40 -21.32
C ASP B 206 31.87 -6.67 -20.00
N ARG B 207 32.56 -5.55 -19.82
CA ARG B 207 32.26 -4.62 -18.73
C ARG B 207 31.93 -3.25 -19.35
N LEU B 208 31.00 -2.53 -18.73
CA LEU B 208 30.50 -1.30 -19.33
C LEU B 208 31.47 -0.11 -19.23
N LEU B 209 32.47 -0.23 -18.37
CA LEU B 209 33.59 0.71 -18.33
C LEU B 209 34.91 -0.04 -18.50
N ARG B 210 35.99 0.67 -18.79
CA ARG B 210 37.27 0.02 -19.02
C ARG B 210 38.42 0.84 -18.42
N ASP B 211 39.62 0.26 -18.41
CA ASP B 211 40.81 0.93 -17.91
C ASP B 211 40.61 1.54 -16.51
N HIS B 212 40.55 0.67 -15.51
CA HIS B 212 40.35 1.08 -14.12
C HIS B 212 39.05 1.88 -13.91
N ASP B 213 38.07 1.62 -14.77
CA ASP B 213 36.78 2.31 -14.75
C ASP B 213 36.92 3.82 -14.99
N ASN B 214 37.99 4.18 -15.70
CA ASN B 214 38.26 5.59 -16.02
C ASN B 214 37.64 6.03 -17.35
N TYR B 215 37.23 5.05 -18.16
CA TYR B 215 36.64 5.31 -19.48
C TYR B 215 35.40 4.47 -19.70
N GLY B 216 34.49 4.97 -20.53
CA GLY B 216 33.35 4.19 -20.95
C GLY B 216 33.75 3.12 -21.96
N ASN B 217 32.98 2.04 -22.01
CA ASN B 217 33.25 0.94 -22.93
C ASN B 217 31.97 0.52 -23.64
N PHE B 218 31.13 1.50 -23.92
CA PHE B 218 29.87 1.24 -24.59
C PHE B 218 30.06 0.97 -26.08
N ARG B 219 31.26 1.30 -26.60
CA ARG B 219 31.60 0.93 -27.97
C ARG B 219 32.03 -0.52 -28.01
N GLY B 220 32.12 -1.13 -26.83
CA GLY B 220 32.57 -2.51 -26.72
C GLY B 220 31.54 -3.47 -27.28
N ALA B 221 31.98 -4.68 -27.60
CA ALA B 221 31.11 -5.67 -28.21
C ALA B 221 29.90 -5.98 -27.34
N GLY B 222 30.11 -6.03 -26.02
CA GLY B 222 29.03 -6.30 -25.09
C GLY B 222 27.82 -5.38 -25.23
N PHE B 223 28.04 -4.10 -25.07
CA PHE B 223 26.92 -3.17 -25.19
C PHE B 223 26.35 -3.14 -26.59
N ARG B 224 27.20 -3.24 -27.60
CA ARG B 224 26.72 -3.22 -28.97
C ARG B 224 25.70 -4.32 -29.17
N LYS B 225 25.96 -5.44 -28.53
CA LYS B 225 25.09 -6.60 -28.68
C LYS B 225 23.80 -6.38 -27.92
N ALA B 226 23.90 -5.90 -26.68
CA ALA B 226 22.73 -5.57 -25.85
C ALA B 226 21.82 -4.57 -26.56
N LEU B 227 22.42 -3.52 -27.12
CA LEU B 227 21.70 -2.47 -27.86
C LEU B 227 21.00 -3.00 -29.11
N GLY B 228 21.60 -4.00 -29.74
CA GLY B 228 21.04 -4.57 -30.95
C GLY B 228 19.81 -5.40 -30.62
N PHE B 229 19.92 -6.21 -29.57
CA PHE B 229 18.82 -7.01 -29.08
C PHE B 229 17.65 -6.13 -28.62
N TYR B 230 17.97 -5.11 -27.83
CA TYR B 230 16.97 -4.21 -27.23
C TYR B 230 16.26 -3.42 -28.31
N ASP B 231 17.04 -2.75 -29.16
CA ASP B 231 16.47 -1.92 -30.21
C ASP B 231 15.59 -2.76 -31.11
N ASN B 232 16.04 -3.97 -31.42
CA ASN B 232 15.28 -4.82 -32.33
C ASN B 232 13.86 -5.10 -31.83
N MET B 233 13.66 -5.23 -30.53
CA MET B 233 12.31 -5.48 -30.07
C MET B 233 11.34 -4.38 -30.51
N TYR B 234 11.77 -3.13 -30.51
CA TYR B 234 10.90 -2.03 -30.91
C TYR B 234 10.73 -1.97 -32.44
N GLN B 235 11.82 -2.13 -33.17
CA GLN B 235 11.77 -1.96 -34.61
C GLN B 235 10.97 -3.07 -35.26
N GLN B 236 10.89 -4.24 -34.62
CA GLN B 236 10.03 -5.32 -35.13
C GLN B 236 8.58 -5.13 -34.71
N GLY B 237 8.30 -4.12 -33.89
CA GLY B 237 6.95 -3.94 -33.36
C GLY B 237 6.57 -4.91 -32.26
N TRP B 238 7.55 -5.52 -31.60
CA TRP B 238 7.26 -6.39 -30.45
C TRP B 238 7.06 -5.58 -29.18
N ALA B 239 7.75 -4.46 -29.06
CA ALA B 239 7.52 -3.56 -27.93
C ALA B 239 7.08 -2.21 -28.42
N PRO B 240 6.07 -1.62 -27.75
CA PRO B 240 5.57 -0.31 -28.20
C PRO B 240 6.63 0.75 -27.93
N LYS B 241 6.78 1.70 -28.86
CA LYS B 241 7.69 2.82 -28.66
C LYS B 241 7.04 3.86 -27.76
N VAL B 242 6.88 3.52 -26.48
CA VAL B 242 6.28 4.40 -25.50
C VAL B 242 7.18 4.63 -24.30
N SER B 243 6.93 5.72 -23.59
CA SER B 243 7.51 5.96 -22.28
C SER B 243 6.41 5.65 -21.26
N GLU B 244 6.75 5.57 -19.97
CA GLU B 244 5.76 5.10 -19.01
C GLU B 244 4.62 6.09 -18.84
N THR B 245 4.91 7.37 -19.08
CA THR B 245 3.87 8.40 -19.01
C THR B 245 2.76 8.06 -19.99
N GLN B 246 3.11 7.37 -21.08
CA GLN B 246 2.16 7.05 -22.15
C GLN B 246 1.44 5.72 -21.98
N VAL B 247 1.59 5.09 -20.81
CA VAL B 247 0.82 3.90 -20.49
C VAL B 247 -0.21 4.21 -19.40
N SER B 248 -1.47 3.91 -19.68
CA SER B 248 -2.56 4.30 -18.79
C SER B 248 -2.47 3.57 -17.46
N ASN B 249 -2.17 2.27 -17.50
CA ASN B 249 -2.07 1.45 -16.30
C ASN B 249 -1.40 0.13 -16.61
N VAL B 250 -0.14 -0.03 -16.21
CA VAL B 250 0.58 -1.22 -16.56
C VAL B 250 -0.14 -2.52 -16.17
N TRP B 251 -0.78 -2.55 -15.01
CA TRP B 251 -1.33 -3.82 -14.54
C TRP B 251 -2.55 -4.26 -15.34
N TYR B 252 -3.47 -3.35 -15.62
CA TYR B 252 -4.66 -3.77 -16.33
C TYR B 252 -4.41 -4.03 -17.81
N GLU B 253 -3.53 -3.24 -18.41
CA GLU B 253 -3.13 -3.49 -19.79
C GLU B 253 -2.57 -4.91 -19.94
N PHE B 254 -1.77 -5.34 -18.96
CA PHE B 254 -1.22 -6.68 -18.93
C PHE B 254 -2.36 -7.69 -18.93
N PHE B 255 -3.33 -7.47 -18.04
CA PHE B 255 -4.42 -8.42 -17.86
C PHE B 255 -5.47 -8.33 -18.97
N ASN B 256 -5.44 -7.23 -19.72
CA ASN B 256 -6.31 -7.10 -20.87
C ASN B 256 -5.57 -7.46 -22.16
N GLY B 257 -4.34 -7.93 -22.00
CA GLY B 257 -3.59 -8.54 -23.09
C GLY B 257 -2.90 -7.62 -24.09
N TYR B 258 -2.77 -6.34 -23.76
CA TYR B 258 -2.08 -5.39 -24.64
C TYR B 258 -0.62 -5.80 -24.87
N TYR B 259 -0.09 -6.63 -23.99
CA TYR B 259 1.25 -7.18 -24.16
C TYR B 259 1.41 -8.35 -23.21
N ALA B 260 2.17 -9.35 -23.64
CA ALA B 260 2.25 -10.59 -22.89
C ALA B 260 3.32 -10.54 -21.80
N PHE B 261 4.38 -9.77 -22.05
CA PHE B 261 5.53 -9.68 -21.13
C PHE B 261 5.70 -8.26 -20.55
N TYR B 262 6.10 -8.18 -19.28
CA TYR B 262 6.45 -6.90 -18.65
C TYR B 262 7.76 -7.14 -17.90
N LEU B 263 8.76 -6.31 -18.16
CA LEU B 263 10.09 -6.49 -17.59
C LEU B 263 10.21 -5.54 -16.40
N SER B 264 10.11 -6.10 -15.19
CA SER B 264 9.98 -5.31 -13.97
C SER B 264 10.42 -6.10 -12.75
N GLY B 265 10.21 -5.51 -11.57
CA GLY B 265 10.80 -5.97 -10.34
C GLY B 265 9.85 -6.60 -9.33
N PRO B 266 10.41 -7.01 -8.18
CA PRO B 266 9.74 -7.83 -7.16
C PRO B 266 8.54 -7.13 -6.52
N TRP B 267 8.50 -5.79 -6.59
CA TRP B 267 7.40 -5.08 -5.97
C TRP B 267 6.12 -5.34 -6.77
N ASN B 268 6.28 -5.69 -8.04
CA ASN B 268 5.12 -5.92 -8.91
C ASN B 268 4.38 -7.21 -8.62
N VAL B 269 4.99 -8.13 -7.90
CA VAL B 269 4.30 -9.39 -7.60
C VAL B 269 3.03 -9.13 -6.79
N ARG B 270 3.16 -8.28 -5.78
CA ARG B 270 2.04 -7.86 -4.97
C ARG B 270 1.00 -7.12 -5.83
N GLU B 271 1.47 -6.16 -6.62
CA GLU B 271 0.57 -5.30 -7.39
C GLU B 271 -0.17 -6.08 -8.47
N PHE B 272 0.50 -7.07 -9.06
CA PHE B 272 -0.18 -7.95 -10.00
C PHE B 272 -1.19 -8.90 -9.31
N LYS B 273 -0.85 -9.42 -8.13
CA LYS B 273 -1.77 -10.28 -7.39
C LYS B 273 -3.09 -9.54 -7.13
N LEU B 274 -2.96 -8.31 -6.64
CA LEU B 274 -4.11 -7.47 -6.29
C LEU B 274 -5.07 -7.23 -7.47
N ARG B 275 -4.51 -6.88 -8.63
CA ARG B 275 -5.30 -6.41 -9.77
C ARG B 275 -5.70 -7.56 -10.71
N GLN B 276 -5.35 -8.76 -10.30
CA GLN B 276 -5.66 -9.99 -11.01
C GLN B 276 -7.17 -10.17 -11.08
N PRO B 277 -7.75 -10.02 -12.28
CA PRO B 277 -9.19 -10.22 -12.43
C PRO B 277 -9.56 -11.65 -12.05
N PRO B 278 -10.83 -11.89 -11.70
CA PRO B 278 -11.25 -13.21 -11.22
C PRO B 278 -10.75 -14.37 -12.10
N GLY B 279 -11.00 -14.30 -13.41
CA GLY B 279 -10.64 -15.38 -14.30
C GLY B 279 -9.15 -15.61 -14.53
N MET B 280 -8.33 -14.66 -14.10
CA MET B 280 -6.91 -14.67 -14.44
C MET B 280 -6.01 -15.41 -13.45
N GLU B 281 -6.59 -16.00 -12.42
CA GLU B 281 -5.78 -16.70 -11.42
C GLU B 281 -4.96 -17.81 -12.05
N GLY B 282 -3.66 -17.82 -11.75
CA GLY B 282 -2.76 -18.81 -12.31
C GLY B 282 -2.43 -18.64 -13.77
N ASN B 283 -3.02 -17.64 -14.42
CA ASN B 283 -2.76 -17.36 -15.83
C ASN B 283 -1.63 -16.36 -16.08
N TRP B 284 -0.83 -16.07 -15.06
CA TRP B 284 0.36 -15.23 -15.22
C TRP B 284 1.43 -15.72 -14.26
N GLY B 285 2.69 -15.46 -14.59
CA GLY B 285 3.75 -15.80 -13.67
C GLY B 285 4.96 -14.90 -13.85
N THR B 286 6.05 -15.29 -13.21
CA THR B 286 7.31 -14.59 -13.35
C THR B 286 8.36 -15.58 -13.86
N ALA B 287 9.30 -15.09 -14.67
CA ALA B 287 10.32 -15.94 -15.26
C ALA B 287 11.64 -15.23 -15.33
N PRO B 288 12.72 -15.93 -14.99
CA PRO B 288 14.03 -15.27 -15.02
C PRO B 288 14.40 -14.79 -16.45
N LEU B 289 15.25 -13.77 -16.50
CA LEU B 289 15.66 -13.12 -17.74
C LEU B 289 16.44 -14.07 -18.62
N PRO B 290 15.98 -14.26 -19.88
CA PRO B 290 16.79 -15.01 -20.86
C PRO B 290 18.14 -14.34 -21.12
N GLY B 291 19.15 -15.12 -21.43
CA GLY B 291 20.46 -14.60 -21.74
C GLY B 291 20.93 -15.13 -23.07
N PRO B 292 22.09 -14.64 -23.53
CA PRO B 292 22.64 -15.00 -24.84
C PRO B 292 22.78 -16.50 -25.05
N ASN B 293 23.07 -17.26 -23.99
CA ASN B 293 23.32 -18.69 -24.15
C ASN B 293 22.48 -19.56 -23.22
N GLY B 294 21.50 -18.94 -22.57
CA GLY B 294 20.73 -19.59 -21.53
C GLY B 294 20.38 -18.54 -20.50
N LEU B 295 19.64 -18.92 -19.45
CA LEU B 295 19.21 -17.93 -18.46
C LEU B 295 20.42 -17.12 -18.05
N GLY B 296 20.29 -15.80 -18.13
CA GLY B 296 21.42 -14.93 -17.94
C GLY B 296 21.45 -14.13 -16.64
N ALA B 297 22.36 -13.17 -16.62
CA ALA B 297 22.58 -12.33 -15.46
C ALA B 297 21.45 -11.33 -15.35
N GLY B 298 21.54 -10.46 -14.36
CA GLY B 298 20.52 -9.47 -14.11
C GLY B 298 21.09 -8.37 -13.23
N ILE B 299 20.29 -7.33 -13.00
CA ILE B 299 20.72 -6.25 -12.11
C ILE B 299 20.82 -6.71 -10.65
N ALA B 300 21.91 -6.36 -9.98
CA ALA B 300 22.06 -6.62 -8.55
C ALA B 300 21.77 -5.34 -7.77
N GLY B 301 20.51 -4.95 -7.75
CA GLY B 301 20.12 -3.72 -7.10
C GLY B 301 19.46 -3.94 -5.75
N GLY B 302 18.92 -2.87 -5.18
CA GLY B 302 18.33 -2.96 -3.87
C GLY B 302 19.13 -2.12 -2.90
N SER B 303 19.13 -2.49 -1.63
CA SER B 303 19.76 -1.67 -0.60
C SER B 303 20.62 -2.48 0.36
N SER B 304 21.50 -1.79 1.06
CA SER B 304 22.38 -2.44 2.01
C SER B 304 22.32 -1.71 3.34
N LEU B 305 22.76 -2.38 4.40
CA LEU B 305 22.82 -1.75 5.71
C LEU B 305 24.23 -1.27 6.01
N VAL B 306 24.34 -0.03 6.48
CA VAL B 306 25.61 0.66 6.62
C VAL B 306 25.72 1.33 7.99
N ILE B 307 26.83 1.08 8.70
CA ILE B 307 27.10 1.75 9.97
C ILE B 307 28.03 2.94 9.78
N PHE B 308 27.53 4.15 9.96
CA PHE B 308 28.40 5.31 9.82
C PHE B 308 29.47 5.27 10.90
N LYS B 309 30.66 5.76 10.58
CA LYS B 309 31.79 5.65 11.50
C LYS B 309 31.80 6.77 12.55
N SER B 310 31.11 7.87 12.28
CA SER B 310 30.98 8.94 13.25
C SER B 310 29.92 8.58 14.31
N SER B 311 29.70 7.29 14.49
CA SER B 311 28.74 6.78 15.46
C SER B 311 29.44 6.24 16.70
N GLN B 312 28.80 6.41 17.85
CA GLN B 312 29.34 5.90 19.11
C GLN B 312 29.13 4.41 19.22
N HIS B 313 27.87 4.01 19.13
CA HIS B 313 27.47 2.64 19.43
C HIS B 313 27.48 1.75 18.19
N LYS B 314 28.69 1.42 17.77
CA LYS B 314 28.89 0.61 16.58
C LYS B 314 28.62 -0.86 16.83
N ASP B 315 28.69 -1.28 18.09
CA ASP B 315 28.44 -2.68 18.40
C ASP B 315 26.96 -2.93 18.67
N ALA B 316 26.24 -1.88 19.03
CA ALA B 316 24.80 -1.96 19.18
C ALA B 316 24.19 -1.99 17.79
N SER B 317 24.68 -1.10 16.93
CA SER B 317 24.21 -0.99 15.55
C SER B 317 24.36 -2.30 14.77
N TRP B 318 25.40 -3.06 15.06
CA TRP B 318 25.65 -4.33 14.38
C TRP B 318 24.73 -5.44 14.88
N LYS B 319 24.23 -5.29 16.10
CA LYS B 319 23.27 -6.25 16.63
C LYS B 319 21.90 -6.08 15.95
N LEU B 320 21.67 -4.88 15.41
CA LEU B 320 20.44 -4.58 14.69
C LEU B 320 20.58 -5.15 13.27
N ILE B 321 21.65 -4.74 12.59
CA ILE B 321 22.00 -5.29 11.30
C ILE B 321 22.03 -6.82 11.33
N GLU B 322 22.60 -7.38 12.40
CA GLU B 322 22.67 -8.82 12.54
C GLU B 322 21.27 -9.42 12.59
N TYR B 323 20.36 -8.69 13.23
CA TYR B 323 18.96 -9.12 13.34
C TYR B 323 18.25 -9.05 11.99
N LEU B 324 18.38 -7.90 11.32
CA LEU B 324 17.81 -7.75 9.98
C LEU B 324 18.44 -8.72 8.98
N SER B 325 19.52 -9.38 9.40
CA SER B 325 20.19 -10.37 8.56
C SER B 325 19.76 -11.80 8.89
N GLN B 326 18.81 -11.94 9.79
CA GLN B 326 18.33 -13.27 10.15
C GLN B 326 17.20 -13.73 9.23
N PRO B 327 17.35 -14.94 8.67
CA PRO B 327 16.42 -15.57 7.74
C PRO B 327 14.94 -15.27 8.01
N GLN B 328 14.49 -15.52 9.23
CA GLN B 328 13.07 -15.37 9.54
C GLN B 328 12.64 -13.92 9.68
N VAL B 329 13.59 -13.04 10.01
CA VAL B 329 13.33 -11.61 9.97
C VAL B 329 13.17 -11.17 8.50
N GLN B 330 14.04 -11.67 7.63
CA GLN B 330 13.93 -11.37 6.21
C GLN B 330 12.69 -12.01 5.57
N ALA B 331 12.35 -13.21 6.01
CA ALA B 331 11.14 -13.88 5.53
C ALA B 331 9.90 -13.04 5.83
N ARG B 332 9.84 -12.50 7.04
CA ARG B 332 8.72 -11.66 7.44
C ARG B 332 8.73 -10.33 6.67
N PHE B 333 9.90 -9.73 6.58
CA PHE B 333 10.07 -8.49 5.81
C PHE B 333 9.57 -8.69 4.38
N HIS B 334 9.83 -9.88 3.84
CA HIS B 334 9.42 -10.18 2.48
C HIS B 334 7.92 -10.43 2.40
N ALA B 335 7.36 -11.03 3.45
CA ALA B 335 5.92 -11.27 3.50
C ALA B 335 5.16 -9.95 3.39
N ILE B 336 5.63 -8.95 4.13
CA ILE B 336 4.93 -7.68 4.23
C ILE B 336 5.11 -6.77 3.02
N ILE B 337 6.36 -6.39 2.68
CA ILE B 337 6.55 -5.55 1.50
C ILE B 337 7.08 -6.21 0.25
N GLY B 338 7.30 -7.53 0.29
CA GLY B 338 7.72 -8.24 -0.91
C GLY B 338 9.17 -8.02 -1.32
N ASP B 339 9.97 -7.43 -0.44
CA ASP B 339 11.40 -7.26 -0.70
C ASP B 339 12.16 -8.58 -0.65
N LEU B 340 13.05 -8.78 -1.62
CA LEU B 340 13.75 -10.05 -1.79
C LEU B 340 14.90 -10.25 -0.79
N PRO B 341 14.85 -11.36 -0.04
CA PRO B 341 15.97 -11.77 0.83
C PRO B 341 17.27 -11.91 0.05
N PRO B 342 18.39 -11.46 0.63
CA PRO B 342 19.66 -11.50 -0.09
C PRO B 342 20.49 -12.75 0.20
N ARG B 343 19.92 -13.73 0.89
CA ARG B 343 20.68 -14.94 1.23
C ARG B 343 19.90 -16.23 1.02
N ARG B 344 20.61 -17.32 0.76
CA ARG B 344 20.00 -18.58 0.34
C ARG B 344 19.20 -19.27 1.45
N SER B 345 19.69 -19.19 2.67
CA SER B 345 18.99 -19.82 3.78
C SER B 345 17.57 -19.26 3.89
N THR B 346 17.45 -17.93 3.90
CA THR B 346 16.14 -17.28 3.94
C THR B 346 15.23 -17.85 2.86
N TRP B 347 15.80 -18.13 1.69
CA TRP B 347 15.04 -18.63 0.55
C TRP B 347 14.59 -20.09 0.70
N LYS B 348 15.28 -20.84 1.55
CA LYS B 348 14.93 -22.25 1.77
C LYS B 348 13.67 -22.39 2.62
N LEU B 349 13.38 -21.36 3.42
CA LEU B 349 12.16 -21.35 4.24
C LEU B 349 10.94 -21.64 3.38
N PRO B 350 10.03 -22.48 3.89
CA PRO B 350 8.79 -22.86 3.22
C PRO B 350 7.98 -21.66 2.72
N SER B 351 7.95 -20.61 3.52
CA SER B 351 7.31 -19.35 3.15
C SER B 351 7.72 -18.96 1.72
N LEU B 352 9.01 -18.77 1.51
CA LEU B 352 9.55 -18.40 0.21
C LEU B 352 9.67 -19.60 -0.73
N ALA B 353 10.17 -20.72 -0.21
CA ALA B 353 10.45 -21.89 -1.02
C ALA B 353 9.23 -22.42 -1.76
N ASN B 354 8.03 -22.13 -1.25
CA ASN B 354 6.81 -22.61 -1.87
C ASN B 354 6.07 -21.51 -2.64
N ASP B 355 6.66 -20.32 -2.69
CA ASP B 355 6.08 -19.21 -3.43
C ASP B 355 6.43 -19.30 -4.91
N ALA B 356 5.45 -19.71 -5.71
CA ALA B 356 5.67 -19.94 -7.14
C ALA B 356 6.03 -18.66 -7.92
N LEU B 357 5.61 -17.51 -7.42
CA LEU B 357 5.86 -16.25 -8.11
C LEU B 357 7.21 -15.70 -7.71
N ALA B 358 7.68 -16.10 -6.53
CA ALA B 358 9.00 -15.69 -6.07
C ALA B 358 10.11 -16.57 -6.67
N HIS B 359 9.73 -17.73 -7.20
CA HIS B 359 10.71 -18.70 -7.67
C HIS B 359 11.70 -18.09 -8.69
N ALA B 360 11.16 -17.44 -9.71
CA ALA B 360 12.00 -16.86 -10.76
C ALA B 360 13.03 -15.87 -10.20
N PHE B 361 12.61 -15.05 -9.22
CA PHE B 361 13.56 -14.15 -8.56
C PHE B 361 14.66 -14.91 -7.85
N GLY B 362 14.28 -15.89 -7.04
CA GLY B 362 15.24 -16.71 -6.33
C GLY B 362 16.25 -17.31 -7.29
N ASP B 363 15.75 -17.82 -8.40
CA ASP B 363 16.62 -18.44 -9.39
C ASP B 363 17.61 -17.42 -9.95
N GLN B 364 17.09 -16.30 -10.44
CA GLN B 364 17.91 -15.28 -11.07
C GLN B 364 18.93 -14.66 -10.10
N LEU B 365 18.59 -14.67 -8.81
CA LEU B 365 19.50 -14.09 -7.83
C LEU B 365 20.88 -14.78 -7.84
N GLU B 366 20.92 -16.00 -8.37
CA GLU B 366 22.18 -16.74 -8.46
C GLU B 366 23.09 -16.19 -9.56
N ARG B 367 22.55 -15.33 -10.43
CA ARG B 367 23.32 -14.85 -11.56
C ARG B 367 23.42 -13.33 -11.62
N VAL B 368 22.90 -12.62 -10.63
CA VAL B 368 22.94 -11.16 -10.69
C VAL B 368 24.37 -10.60 -10.57
N LYS B 369 24.66 -9.56 -11.35
CA LYS B 369 25.97 -8.93 -11.41
C LYS B 369 25.90 -7.52 -10.86
N ALA B 370 26.87 -7.12 -10.04
CA ALA B 370 26.94 -5.74 -9.57
C ALA B 370 27.28 -4.84 -10.73
N THR B 371 26.80 -3.61 -10.67
CA THR B 371 27.10 -2.63 -11.69
C THR B 371 28.52 -2.09 -11.37
N PRO B 372 29.20 -1.46 -12.34
CA PRO B 372 30.53 -0.93 -12.00
C PRO B 372 30.43 0.07 -10.84
N LYS B 373 31.23 -0.16 -9.80
CA LYS B 373 31.08 0.59 -8.56
C LYS B 373 31.85 1.91 -8.57
N VAL B 374 31.35 2.87 -9.35
CA VAL B 374 31.95 4.19 -9.38
C VAL B 374 30.90 5.21 -8.97
N LEU B 375 31.37 6.31 -8.41
CA LEU B 375 30.50 7.40 -7.97
C LEU B 375 29.61 7.92 -9.09
N GLU B 376 30.17 7.99 -10.30
CA GLU B 376 29.49 8.59 -11.45
C GLU B 376 28.45 7.67 -12.09
N TRP B 377 28.19 6.51 -11.49
CA TRP B 377 27.42 5.49 -12.20
C TRP B 377 25.99 5.89 -12.57
N GLU B 378 25.26 6.49 -11.64
CA GLU B 378 23.90 6.91 -11.92
C GLU B 378 23.86 7.89 -13.09
N ARG B 379 24.71 8.92 -13.06
CA ARG B 379 24.76 9.88 -14.15
C ARG B 379 25.03 9.16 -15.49
N ILE B 380 25.78 8.07 -15.43
CA ILE B 380 26.17 7.33 -16.63
C ILE B 380 25.00 6.56 -17.24
N VAL B 381 24.27 5.78 -16.42
CA VAL B 381 23.12 5.08 -16.96
C VAL B 381 22.13 6.08 -17.54
N GLN B 382 22.00 7.25 -16.92
CA GLN B 382 21.04 8.22 -17.43
C GLN B 382 21.41 8.63 -18.86
N GLU B 383 22.69 8.89 -19.10
CA GLU B 383 23.16 9.16 -20.47
C GLU B 383 22.84 8.00 -21.39
N MET B 384 23.11 6.79 -20.95
CA MET B 384 22.87 5.61 -21.77
C MET B 384 21.42 5.58 -22.23
N ARG B 385 20.50 5.76 -21.28
CA ARG B 385 19.09 5.71 -21.61
C ARG B 385 18.68 6.82 -22.58
N LEU B 386 19.26 7.99 -22.43
CA LEU B 386 18.96 9.09 -23.33
C LEU B 386 19.41 8.73 -24.74
N VAL B 387 20.57 8.10 -24.84
CA VAL B 387 21.08 7.68 -26.13
C VAL B 387 20.22 6.55 -26.70
N THR B 388 19.87 5.56 -25.87
CA THR B 388 19.13 4.41 -26.38
C THR B 388 17.76 4.82 -26.93
N GLU B 389 17.10 5.75 -26.25
CA GLU B 389 15.79 6.18 -26.69
C GLU B 389 15.88 6.94 -28.00
N ARG B 390 16.94 7.73 -28.15
CA ARG B 390 17.20 8.41 -29.41
C ARG B 390 17.45 7.39 -30.56
N VAL B 391 18.04 6.24 -30.22
CA VAL B 391 18.24 5.17 -31.20
C VAL B 391 16.92 4.48 -31.57
N VAL B 392 16.13 4.11 -30.58
CA VAL B 392 14.83 3.50 -30.83
C VAL B 392 13.88 4.47 -31.57
N ARG B 393 13.81 5.71 -31.12
CA ARG B 393 12.89 6.68 -31.70
C ARG B 393 13.45 7.33 -32.94
N GLY B 394 14.70 7.77 -32.88
CA GLY B 394 15.27 8.61 -33.93
C GLY B 394 15.97 7.85 -35.04
N GLY B 395 16.22 6.57 -34.82
CA GLY B 395 16.83 5.74 -35.83
C GLY B 395 18.32 5.99 -35.99
N GLN B 396 18.91 6.66 -35.01
CA GLN B 396 20.35 6.93 -35.05
C GLN B 396 21.13 5.63 -35.20
N SER B 397 22.23 5.66 -35.96
CA SER B 397 23.00 4.44 -36.15
C SER B 397 23.64 4.01 -34.84
N HIS B 398 23.56 2.71 -34.55
CA HIS B 398 24.21 2.20 -33.35
C HIS B 398 25.68 2.64 -33.28
N ASP B 399 26.33 2.75 -34.43
CA ASP B 399 27.72 3.22 -34.46
C ASP B 399 27.82 4.64 -33.93
N ALA B 400 26.99 5.53 -34.46
CA ALA B 400 26.95 6.92 -33.99
C ALA B 400 26.60 6.97 -32.51
N ALA B 401 25.64 6.13 -32.12
CA ALA B 401 25.09 6.16 -30.77
C ALA B 401 26.11 5.77 -29.70
N VAL B 402 26.79 4.65 -29.87
CA VAL B 402 27.78 4.25 -28.87
C VAL B 402 29.01 5.17 -28.86
N GLN B 403 29.45 5.57 -30.05
CA GLN B 403 30.50 6.57 -30.22
C GLN B 403 30.22 7.78 -29.32
N GLU B 404 29.03 8.35 -29.48
CA GLU B 404 28.62 9.51 -28.73
C GLU B 404 28.39 9.24 -27.25
N LEU B 405 28.01 8.00 -26.91
CA LEU B 405 27.81 7.66 -25.52
C LEU B 405 29.12 7.57 -24.75
N ASP B 406 30.12 6.91 -25.34
CA ASP B 406 31.43 6.80 -24.68
C ASP B 406 32.02 8.19 -24.51
N GLN B 407 31.65 9.07 -25.44
CA GLN B 407 32.06 10.45 -25.42
C GLN B 407 31.56 11.15 -24.16
N ARG B 408 30.23 11.14 -23.99
CA ARG B 408 29.61 11.69 -22.79
C ARG B 408 30.20 11.03 -21.55
N VAL B 409 30.23 9.71 -21.55
CA VAL B 409 30.69 8.97 -20.37
C VAL B 409 32.13 9.34 -20.01
N ASP B 410 32.98 9.50 -21.03
CA ASP B 410 34.38 9.86 -20.81
C ASP B 410 34.53 11.29 -20.22
N GLU B 411 33.57 12.16 -20.53
CA GLU B 411 33.54 13.50 -19.96
C GLU B 411 33.18 13.42 -18.48
N ILE B 412 32.13 12.65 -18.20
CA ILE B 412 31.65 12.45 -16.84
C ILE B 412 32.75 11.87 -15.93
N LEU B 413 33.56 10.97 -16.48
CA LEU B 413 34.63 10.31 -15.75
C LEU B 413 35.92 11.15 -15.67
N ALA B 414 35.89 12.34 -16.26
CA ALA B 414 37.10 13.17 -16.37
C ALA B 414 37.80 13.31 -15.03
N LYS B 415 37.04 13.67 -13.99
CA LYS B 415 37.63 13.92 -12.69
C LYS B 415 38.19 12.65 -12.02
N ARG B 416 37.45 11.56 -12.11
CA ARG B 416 37.93 10.29 -11.57
C ARG B 416 39.27 9.91 -12.20
N ARG B 417 39.33 10.08 -13.51
CA ARG B 417 40.50 9.77 -14.32
C ARG B 417 41.68 10.71 -14.00
N TRP B 418 41.37 11.97 -13.70
CA TRP B 418 42.40 12.93 -13.31
C TRP B 418 43.01 12.59 -11.95
N ILE B 419 42.16 12.28 -10.98
CA ILE B 419 42.64 11.85 -9.67
C ILE B 419 43.51 10.59 -9.81
N PHE B 420 43.14 9.72 -10.71
CA PHE B 420 43.93 8.52 -10.98
C PHE B 420 45.36 8.85 -11.46
N GLU B 421 45.45 9.69 -12.48
CA GLU B 421 46.74 10.09 -13.08
C GLU B 421 47.65 10.82 -12.09
N GLN B 422 47.04 11.53 -11.14
CA GLN B 422 47.80 12.24 -10.11
C GLN B 422 48.37 11.27 -9.10
N GLU B 423 47.50 10.61 -8.34
CA GLU B 423 47.95 9.68 -7.32
C GLU B 423 48.53 8.43 -7.97
N GLY B 424 48.38 7.28 -7.31
CA GLY B 424 48.86 6.03 -7.86
C GLY B 424 47.91 5.42 -8.88
#